data_1ROD
#
_entry.id   1ROD
#
_cell.length_a   1.000
_cell.length_b   1.000
_cell.length_c   1.000
_cell.angle_alpha   90.00
_cell.angle_beta   90.00
_cell.angle_gamma   90.00
#
_symmetry.space_group_name_H-M   'P 1'
#
_entity_poly.entity_id   1
_entity_poly.type   'polypeptide(L)'
_entity_poly.pdbx_seq_one_letter_code
;SAKELRCQCIKTYSKPFHPKFIKELRVIESGPHCANTEIIVKLSDGRELCLDPASPIVKKIIEKMLNSDKSN
;
_entity_poly.pdbx_strand_id   A,B
#
# COMPACT_ATOMS: atom_id res chain seq x y z
N SER A 1 12.33 24.12 18.78
CA SER A 1 13.63 24.46 18.14
C SER A 1 14.37 23.18 17.73
N ALA A 2 13.73 22.33 16.98
CA ALA A 2 14.40 21.06 16.56
C ALA A 2 14.79 21.16 15.08
N LYS A 3 15.64 20.29 14.63
CA LYS A 3 16.06 20.31 13.21
C LYS A 3 14.84 20.53 12.32
N GLU A 4 14.96 21.36 11.31
CA GLU A 4 13.81 21.61 10.41
C GLU A 4 13.13 20.28 10.06
N LEU A 5 11.83 20.20 10.22
CA LEU A 5 11.13 18.95 9.90
C LEU A 5 11.63 18.35 8.59
N ARG A 6 11.53 17.06 8.44
CA ARG A 6 12.00 16.40 7.20
C ARG A 6 10.94 16.56 6.10
N CYS A 7 11.08 15.81 5.03
CA CYS A 7 10.08 15.92 3.93
C CYS A 7 8.68 15.63 4.47
N GLN A 8 8.26 14.39 4.43
CA GLN A 8 6.91 14.06 4.94
C GLN A 8 7.01 13.55 6.38
N CYS A 9 7.42 12.33 6.56
CA CYS A 9 7.54 11.77 7.94
C CYS A 9 8.55 10.62 7.96
N ILE A 10 8.97 10.19 9.11
CA ILE A 10 9.94 9.07 9.18
C ILE A 10 9.35 7.94 10.02
N LYS A 11 8.23 8.18 10.65
CA LYS A 11 7.60 7.14 11.49
C LYS A 11 6.27 6.71 10.85
N THR A 12 5.45 6.01 11.58
CA THR A 12 4.14 5.57 11.05
C THR A 12 3.29 6.76 10.66
N TYR A 13 2.07 6.49 10.33
CA TYR A 13 1.14 7.56 9.96
C TYR A 13 1.28 8.69 10.98
N SER A 14 1.44 8.30 12.20
CA SER A 14 1.57 9.27 13.31
C SER A 14 1.87 8.48 14.57
N LYS A 15 1.24 7.33 14.65
CA LYS A 15 1.37 6.43 15.80
C LYS A 15 1.50 4.99 15.32
N PRO A 16 2.02 4.14 16.15
CA PRO A 16 2.14 2.74 15.86
C PRO A 16 0.92 2.00 16.27
N PHE A 17 0.67 0.97 15.57
CA PHE A 17 -0.55 0.19 15.82
C PHE A 17 -0.50 -1.07 14.98
N HIS A 18 -1.49 -1.91 15.06
CA HIS A 18 -1.47 -3.11 14.23
C HIS A 18 -1.86 -2.66 12.83
N PRO A 19 -0.94 -2.74 11.92
CA PRO A 19 -1.18 -2.30 10.55
C PRO A 19 -2.17 -3.24 9.87
N LYS A 20 -2.48 -4.33 10.54
CA LYS A 20 -3.43 -5.33 9.98
C LYS A 20 -4.81 -4.71 9.80
N PHE A 21 -5.24 -3.95 10.76
CA PHE A 21 -6.58 -3.31 10.67
C PHE A 21 -6.53 -2.05 9.79
N ILE A 22 -5.56 -1.94 8.93
CA ILE A 22 -5.49 -0.74 8.06
C ILE A 22 -6.50 -0.88 6.91
N LYS A 23 -7.34 0.10 6.73
CA LYS A 23 -8.33 0.03 5.63
C LYS A 23 -7.64 0.38 4.31
N GLU A 24 -6.74 1.32 4.34
CA GLU A 24 -6.03 1.68 3.07
C GLU A 24 -4.52 1.68 3.31
N LEU A 25 -3.80 0.80 2.69
CA LEU A 25 -2.32 0.79 2.89
C LEU A 25 -1.73 1.59 1.77
N ARG A 26 -1.32 2.79 2.02
CA ARG A 26 -0.78 3.60 0.94
C ARG A 26 0.73 3.58 1.03
N VAL A 27 1.38 3.64 -0.07
CA VAL A 27 2.87 3.59 -0.01
C VAL A 27 3.47 4.66 -0.91
N ILE A 28 4.15 5.61 -0.35
CA ILE A 28 4.78 6.65 -1.19
C ILE A 28 6.02 6.06 -1.83
N GLU A 29 5.84 5.32 -2.90
CA GLU A 29 7.02 4.69 -3.56
C GLU A 29 7.40 5.45 -4.84
N SER A 30 7.70 6.72 -4.74
CA SER A 30 8.07 7.49 -5.96
C SER A 30 9.54 7.20 -6.29
N GLY A 31 10.09 7.86 -7.27
CA GLY A 31 11.52 7.63 -7.61
C GLY A 31 12.39 7.97 -6.40
N PRO A 32 13.59 8.40 -6.66
CA PRO A 32 14.51 8.78 -5.65
C PRO A 32 14.60 10.30 -5.50
N HIS A 33 14.13 10.81 -4.42
CA HIS A 33 14.17 12.30 -4.21
C HIS A 33 13.98 12.61 -2.72
N CYS A 34 12.75 12.73 -2.29
CA CYS A 34 12.49 13.04 -0.86
C CYS A 34 10.97 13.14 -0.63
N ALA A 35 10.23 13.51 -1.64
CA ALA A 35 8.75 13.62 -1.47
C ALA A 35 8.17 12.28 -1.04
N ASN A 36 7.89 11.45 -1.99
CA ASN A 36 7.30 10.13 -1.69
C ASN A 36 8.32 9.02 -1.93
N THR A 37 8.50 8.18 -0.97
CA THR A 37 9.49 7.09 -1.14
C THR A 37 9.43 6.11 0.04
N GLU A 38 8.46 6.26 0.89
CA GLU A 38 8.35 5.36 2.09
C GLU A 38 7.01 4.62 2.12
N ILE A 39 6.63 4.09 3.25
CA ILE A 39 5.35 3.34 3.35
C ILE A 39 4.26 4.29 3.84
N ILE A 40 3.02 3.89 3.74
CA ILE A 40 1.90 4.76 4.20
C ILE A 40 0.65 3.90 4.48
N VAL A 41 -0.36 4.45 5.07
CA VAL A 41 -1.54 3.63 5.42
C VAL A 41 -2.74 4.49 5.76
N LYS A 42 -3.81 3.83 6.01
CA LYS A 42 -5.07 4.47 6.39
C LYS A 42 -5.70 3.61 7.47
N LEU A 43 -5.06 3.59 8.61
CA LEU A 43 -5.55 2.78 9.78
C LEU A 43 -7.07 2.78 9.77
N SER A 44 -7.68 1.61 9.70
CA SER A 44 -9.19 1.45 9.68
C SER A 44 -9.93 2.80 9.82
N ASP A 45 -10.87 2.89 10.71
CA ASP A 45 -11.62 4.17 10.85
C ASP A 45 -11.07 4.91 12.06
N GLY A 46 -9.77 4.92 12.22
CA GLY A 46 -9.20 5.61 13.39
C GLY A 46 -7.95 6.41 13.02
N ARG A 47 -6.99 5.84 12.34
CA ARG A 47 -5.78 6.60 12.04
C ARG A 47 -5.48 6.53 10.54
N GLU A 48 -5.01 7.60 9.96
CA GLU A 48 -4.75 7.57 8.50
C GLU A 48 -3.67 8.59 8.13
N LEU A 49 -2.49 8.14 7.81
CA LEU A 49 -1.41 9.10 7.47
C LEU A 49 -0.30 8.35 6.74
N CYS A 50 0.94 8.77 6.87
CA CYS A 50 2.04 8.05 6.18
C CYS A 50 2.41 6.78 6.95
N LEU A 51 3.54 6.19 6.65
CA LEU A 51 3.95 4.93 7.37
C LEU A 51 5.44 4.68 7.17
N ASP A 52 6.18 4.65 8.25
CA ASP A 52 7.65 4.39 8.17
C ASP A 52 8.16 3.93 9.54
N PRO A 53 7.58 2.86 10.04
CA PRO A 53 7.96 2.29 11.35
C PRO A 53 9.26 1.51 11.25
N ALA A 54 10.38 2.18 11.28
CA ALA A 54 11.70 1.47 11.20
C ALA A 54 11.61 0.33 10.17
N SER A 55 10.81 0.50 9.16
CA SER A 55 10.69 -0.57 8.13
C SER A 55 11.45 -0.14 6.87
N PRO A 56 12.61 -0.70 6.68
CA PRO A 56 13.46 -0.39 5.52
C PRO A 56 12.93 -1.10 4.27
N ILE A 57 11.93 -1.92 4.42
CA ILE A 57 11.36 -2.64 3.27
C ILE A 57 11.13 -1.75 2.12
N VAL A 58 10.37 -0.75 2.37
CA VAL A 58 9.98 0.13 1.34
C VAL A 58 11.22 0.83 0.80
N LYS A 59 12.20 0.97 1.65
CA LYS A 59 13.45 1.61 1.21
C LYS A 59 14.18 0.64 0.28
N LYS A 60 13.90 -0.63 0.44
CA LYS A 60 14.55 -1.65 -0.44
C LYS A 60 13.84 -1.68 -1.79
N ILE A 61 12.59 -1.30 -1.81
CA ILE A 61 11.84 -1.29 -3.08
C ILE A 61 12.29 -0.10 -3.91
N ILE A 62 12.63 0.98 -3.26
CA ILE A 62 13.10 2.18 -3.95
C ILE A 62 14.57 1.99 -4.26
N GLU A 63 15.21 1.26 -3.40
CA GLU A 63 16.65 0.98 -3.52
C GLU A 63 16.92 0.10 -4.73
N LYS A 64 15.99 -0.74 -5.07
CA LYS A 64 16.19 -1.65 -6.23
C LYS A 64 16.33 -0.83 -7.51
N MET A 65 15.87 0.38 -7.54
CA MET A 65 16.02 1.19 -8.77
C MET A 65 17.52 1.39 -8.99
N LEU A 66 18.16 2.02 -8.04
CA LEU A 66 19.62 2.24 -8.14
C LEU A 66 20.33 0.93 -8.43
N ASN A 67 20.10 0.00 -7.57
CA ASN A 67 20.74 -1.33 -7.71
C ASN A 67 20.45 -1.92 -9.10
N SER A 68 19.34 -1.56 -9.70
CA SER A 68 19.03 -2.10 -11.04
C SER A 68 19.96 -1.48 -12.06
N ASP A 69 20.32 -0.29 -11.79
CA ASP A 69 21.25 0.45 -12.68
C ASP A 69 22.68 0.00 -12.39
N LYS A 70 22.87 -0.64 -11.27
CA LYS A 70 24.23 -1.11 -10.90
C LYS A 70 24.49 -2.48 -11.53
N SER A 71 24.17 -2.62 -12.78
CA SER A 71 24.40 -3.92 -13.47
C SER A 71 25.62 -3.80 -14.38
N ASN A 72 26.26 -2.66 -14.38
CA ASN A 72 27.47 -2.48 -15.24
C ASN A 72 28.68 -2.17 -14.37
N SER B 1 -24.86 -5.35 -20.98
CA SER B 1 -25.76 -6.29 -20.26
C SER B 1 -24.93 -7.37 -19.56
N ALA B 2 -23.98 -6.99 -18.76
CA ALA B 2 -23.13 -8.00 -18.06
C ALA B 2 -23.53 -8.07 -16.59
N LYS B 3 -23.12 -9.10 -15.90
CA LYS B 3 -23.47 -9.23 -14.47
C LYS B 3 -23.27 -7.88 -13.77
N GLU B 4 -24.18 -7.51 -12.91
CA GLU B 4 -24.04 -6.22 -12.20
C GLU B 4 -22.60 -6.04 -11.73
N LEU B 5 -22.01 -4.91 -12.00
CA LEU B 5 -20.62 -4.68 -11.57
C LEU B 5 -20.40 -5.15 -10.13
N ARG B 6 -19.20 -5.51 -9.78
CA ARG B 6 -18.93 -5.98 -8.40
C ARG B 6 -18.76 -4.77 -7.48
N CYS B 7 -18.26 -4.99 -6.29
CA CYS B 7 -18.06 -3.86 -5.33
C CYS B 7 -17.20 -2.78 -5.98
N GLN B 8 -15.90 -2.86 -5.79
CA GLN B 8 -15.00 -1.84 -6.40
C GLN B 8 -14.43 -2.37 -7.71
N CYS B 9 -13.46 -3.24 -7.64
CA CYS B 9 -12.86 -3.79 -8.89
C CYS B 9 -12.21 -5.14 -8.60
N ILE B 10 -11.86 -5.88 -9.61
CA ILE B 10 -11.21 -7.20 -9.38
C ILE B 10 -9.85 -7.23 -10.08
N LYS B 11 -9.57 -6.23 -10.87
CA LYS B 11 -8.27 -6.18 -11.59
C LYS B 11 -7.43 -5.03 -11.05
N THR B 12 -6.38 -4.67 -11.75
CA THR B 12 -5.51 -3.54 -11.30
C THR B 12 -6.31 -2.26 -11.22
N TYR B 13 -5.61 -1.20 -10.99
CA TYR B 13 -6.26 0.11 -10.91
C TYR B 13 -7.23 0.24 -12.08
N SER B 14 -6.81 -0.25 -13.19
CA SER B 14 -7.64 -0.21 -14.42
C SER B 14 -6.89 -0.98 -15.49
N LYS B 15 -5.59 -0.85 -15.45
CA LYS B 15 -4.71 -1.52 -16.43
C LYS B 15 -3.49 -2.09 -15.69
N PRO B 16 -2.83 -3.03 -16.32
CA PRO B 16 -1.63 -3.61 -15.78
C PRO B 16 -0.43 -2.84 -16.21
N PHE B 17 0.53 -2.89 -15.38
CA PHE B 17 1.74 -2.11 -15.63
C PHE B 17 2.79 -2.50 -14.60
N HIS B 18 3.95 -1.92 -14.65
CA HIS B 18 4.95 -2.24 -13.65
C HIS B 18 4.55 -1.49 -12.39
N PRO B 19 4.17 -2.20 -11.37
CA PRO B 19 3.72 -1.58 -10.14
C PRO B 19 4.90 -0.92 -9.44
N LYS B 20 6.08 -1.17 -9.94
CA LYS B 20 7.31 -0.59 -9.34
C LYS B 20 7.26 0.94 -9.42
N PHE B 21 6.85 1.47 -10.54
CA PHE B 21 6.79 2.94 -10.71
C PHE B 21 5.53 3.51 -10.04
N ILE B 22 4.94 2.82 -9.12
CA ILE B 22 3.74 3.36 -8.45
C ILE B 22 4.14 4.41 -7.42
N LYS B 23 3.56 5.58 -7.50
CA LYS B 23 3.91 6.65 -6.52
C LYS B 23 3.16 6.37 -5.22
N GLU B 24 1.96 5.90 -5.28
CA GLU B 24 1.22 5.61 -4.01
C GLU B 24 0.64 4.19 -4.08
N LEU B 25 1.09 3.31 -3.24
CA LEU B 25 0.54 1.92 -3.28
C LEU B 25 -0.55 1.87 -2.24
N ARG B 26 -1.78 1.92 -2.64
CA ARG B 26 -2.84 1.92 -1.65
C ARG B 26 -3.40 0.51 -1.56
N VAL B 27 -3.84 0.12 -0.41
CA VAL B 27 -4.38 -1.26 -0.28
C VAL B 27 -5.69 -1.26 0.48
N ILE B 28 -6.78 -1.62 -0.15
CA ILE B 28 -8.06 -1.64 0.59
C ILE B 28 -8.08 -2.89 1.46
N GLU B 29 -7.45 -2.83 2.60
CA GLU B 29 -7.41 -4.02 3.49
C GLU B 29 -8.39 -3.87 4.66
N SER B 30 -9.66 -3.67 4.39
CA SER B 30 -10.63 -3.53 5.51
C SER B 30 -10.99 -4.91 6.04
N GLY B 31 -11.91 -5.00 6.95
CA GLY B 31 -12.30 -6.32 7.49
C GLY B 31 -12.83 -7.19 6.35
N PRO B 32 -13.73 -8.08 6.67
CA PRO B 32 -14.32 -8.95 5.71
C PRO B 32 -15.73 -8.48 5.33
N HIS B 33 -15.90 -8.05 4.14
CA HIS B 33 -17.26 -7.56 3.69
C HIS B 33 -17.31 -7.52 2.17
N CYS B 34 -16.88 -6.43 1.59
CA CYS B 34 -16.91 -6.31 0.10
C CYS B 34 -16.37 -4.94 -0.31
N ALA B 35 -16.52 -3.95 0.52
CA ALA B 35 -16.03 -2.60 0.18
C ALA B 35 -14.53 -2.63 -0.09
N ASN B 36 -13.75 -2.54 0.94
CA ASN B 36 -12.28 -2.55 0.79
C ASN B 36 -11.71 -3.85 1.32
N THR B 37 -10.90 -4.49 0.55
CA THR B 37 -10.32 -5.78 1.00
C THR B 37 -9.28 -6.29 -0.01
N GLU B 38 -8.94 -5.50 -0.97
CA GLU B 38 -7.95 -5.94 -2.01
C GLU B 38 -6.74 -5.00 -2.06
N ILE B 39 -5.99 -5.06 -3.14
CA ILE B 39 -4.79 -4.18 -3.26
C ILE B 39 -5.17 -2.91 -4.01
N ILE B 40 -4.32 -1.92 -4.00
CA ILE B 40 -4.63 -0.65 -4.71
C ILE B 40 -3.31 0.11 -4.99
N VAL B 41 -3.35 1.15 -5.78
CA VAL B 41 -2.10 1.86 -6.13
C VAL B 41 -2.38 3.22 -6.74
N LYS B 42 -1.31 3.89 -7.00
CA LYS B 42 -1.37 5.22 -7.63
C LYS B 42 -0.21 5.28 -8.61
N LEU B 43 -0.33 4.49 -9.65
CA LEU B 43 0.73 4.43 -10.72
C LEU B 43 1.33 5.84 -10.88
N SER B 44 2.63 5.95 -10.69
CA SER B 44 3.37 7.28 -10.82
C SER B 44 2.45 8.43 -11.26
N ASP B 45 2.84 9.17 -12.27
CA ASP B 45 1.98 10.30 -12.69
C ASP B 45 1.22 9.88 -13.94
N GLY B 46 0.72 8.68 -13.95
CA GLY B 46 -0.01 8.21 -15.15
C GLY B 46 -1.29 7.45 -14.77
N ARG B 47 -1.22 6.47 -13.89
CA ARG B 47 -2.42 5.70 -13.60
C ARG B 47 -2.64 5.65 -12.08
N GLU B 48 -3.86 5.74 -11.63
CA GLU B 48 -4.09 5.73 -10.16
C GLU B 48 -5.49 5.20 -9.85
N LEU B 49 -5.58 4.01 -9.32
CA LEU B 49 -6.92 3.43 -9.02
C LEU B 49 -6.74 2.26 -8.05
N CYS B 50 -7.61 1.28 -8.11
CA CYS B 50 -7.46 0.12 -7.17
C CYS B 50 -6.36 -0.82 -7.69
N LEU B 51 -6.31 -2.03 -7.16
CA LEU B 51 -5.25 -2.98 -7.61
C LEU B 51 -5.63 -4.42 -7.22
N ASP B 52 -5.79 -5.28 -8.18
CA ASP B 52 -6.14 -6.70 -7.89
C ASP B 52 -5.78 -7.57 -9.09
N PRO B 53 -4.53 -7.53 -9.47
CA PRO B 53 -4.01 -8.31 -10.62
C PRO B 53 -3.82 -9.78 -10.24
N ALA B 54 -4.88 -10.55 -10.26
CA ALA B 54 -4.76 -12.01 -9.91
C ALA B 54 -3.80 -12.17 -8.73
N SER B 55 -3.74 -11.21 -7.86
CA SER B 55 -2.83 -11.33 -6.69
C SER B 55 -3.65 -11.65 -5.43
N PRO B 56 -3.62 -12.88 -5.02
CA PRO B 56 -4.37 -13.34 -3.84
C PRO B 56 -3.64 -12.91 -2.55
N ILE B 57 -2.47 -12.34 -2.68
CA ILE B 57 -1.72 -11.90 -1.51
C ILE B 57 -2.56 -11.14 -0.54
N VAL B 58 -3.15 -10.13 -1.05
CA VAL B 58 -3.90 -9.26 -0.23
C VAL B 58 -5.09 -10.03 0.33
N LYS B 59 -5.51 -11.02 -0.41
CA LYS B 59 -6.64 -11.86 0.06
C LYS B 59 -6.14 -12.72 1.20
N LYS B 60 -4.86 -12.97 1.23
CA LYS B 60 -4.28 -13.80 2.33
C LYS B 60 -4.11 -12.93 3.57
N ILE B 61 -3.98 -11.65 3.39
CA ILE B 61 -3.82 -10.74 4.54
C ILE B 61 -5.18 -10.56 5.22
N ILE B 62 -6.22 -10.59 4.44
CA ILE B 62 -7.57 -10.44 4.98
C ILE B 62 -8.02 -11.80 5.48
N GLU B 63 -7.52 -12.80 4.83
CA GLU B 63 -7.84 -14.19 5.16
C GLU B 63 -7.27 -14.57 6.52
N LYS B 64 -6.18 -13.97 6.88
CA LYS B 64 -5.56 -14.30 8.19
C LYS B 64 -6.48 -13.91 9.33
N MET B 65 -7.41 -13.02 9.10
CA MET B 65 -8.35 -12.65 10.20
C MET B 65 -9.14 -13.91 10.55
N LEU B 66 -9.87 -14.42 9.60
CA LEU B 66 -10.66 -15.64 9.81
C LEU B 66 -9.78 -16.73 10.40
N ASN B 67 -8.74 -17.02 9.69
CA ASN B 67 -7.80 -18.08 10.12
C ASN B 67 -7.29 -17.80 11.54
N SER B 68 -7.25 -16.56 11.94
CA SER B 68 -6.77 -16.25 13.31
C SER B 68 -7.81 -16.70 14.31
N ASP B 69 -9.01 -16.61 13.89
CA ASP B 69 -10.15 -17.03 14.76
C ASP B 69 -10.28 -18.55 14.70
N LYS B 70 -9.65 -19.16 13.74
CA LYS B 70 -9.73 -20.63 13.61
C LYS B 70 -8.64 -21.28 14.48
N SER B 71 -8.52 -20.83 15.69
CA SER B 71 -7.51 -21.41 16.60
C SER B 71 -8.20 -22.32 17.62
N ASN B 72 -9.48 -22.48 17.51
CA ASN B 72 -10.22 -23.35 18.46
C ASN B 72 -10.89 -24.49 17.69
N SER A 1 3.50 23.50 -7.58
CA SER A 1 4.09 23.54 -6.21
C SER A 1 4.04 22.15 -5.59
N ALA A 2 5.17 21.55 -5.37
CA ALA A 2 5.18 20.18 -4.76
C ALA A 2 4.61 20.25 -3.35
N LYS A 3 4.17 19.14 -2.82
CA LYS A 3 3.60 19.13 -1.46
C LYS A 3 4.51 19.92 -0.51
N GLU A 4 4.02 20.98 0.06
CA GLU A 4 4.85 21.78 0.99
C GLU A 4 5.62 20.86 1.92
N LEU A 5 4.94 19.97 2.59
CA LEU A 5 5.61 19.04 3.52
C LEU A 5 6.80 18.37 2.81
N ARG A 6 7.99 18.64 3.28
CA ARG A 6 9.19 18.04 2.66
C ARG A 6 9.37 16.59 3.16
N CYS A 7 10.40 16.32 3.92
CA CYS A 7 10.60 14.93 4.42
C CYS A 7 9.87 14.76 5.75
N GLN A 8 8.69 15.32 5.85
CA GLN A 8 7.92 15.19 7.12
C GLN A 8 6.85 14.10 6.96
N CYS A 9 7.26 12.96 6.47
CA CYS A 9 6.29 11.84 6.26
C CYS A 9 7.03 10.52 6.51
N ILE A 10 8.19 10.58 7.09
CA ILE A 10 8.95 9.34 7.38
C ILE A 10 8.42 8.73 8.68
N LYS A 11 7.32 9.21 9.17
CA LYS A 11 6.77 8.68 10.44
C LYS A 11 5.29 8.31 10.29
N THR A 12 4.80 7.41 11.10
CA THR A 12 3.36 7.05 11.05
C THR A 12 2.54 8.29 11.28
N TYR A 13 1.26 8.16 11.30
CA TYR A 13 0.43 9.37 11.50
C TYR A 13 0.77 9.99 12.87
N SER A 14 -0.17 10.41 13.66
CA SER A 14 0.23 11.01 14.96
C SER A 14 0.35 9.92 16.04
N LYS A 15 0.05 8.69 15.72
CA LYS A 15 0.14 7.61 16.72
C LYS A 15 0.60 6.31 16.05
N PRO A 16 1.20 5.44 16.81
CA PRO A 16 1.62 4.14 16.34
C PRO A 16 0.57 3.12 16.61
N PHE A 17 0.60 2.11 15.83
CA PHE A 17 -0.42 1.06 15.96
C PHE A 17 -0.06 -0.11 15.08
N HIS A 18 -0.73 -1.20 15.23
CA HIS A 18 -0.45 -2.33 14.34
C HIS A 18 -1.11 -1.96 13.02
N PRO A 19 -0.32 -1.89 12.00
CA PRO A 19 -0.83 -1.50 10.69
C PRO A 19 -1.73 -2.60 10.13
N LYS A 20 -1.84 -3.70 10.84
CA LYS A 20 -2.68 -4.82 10.39
C LYS A 20 -4.13 -4.35 10.24
N PHE A 21 -4.61 -3.58 11.17
CA PHE A 21 -6.01 -3.08 11.11
C PHE A 21 -6.12 -1.89 10.15
N ILE A 22 -5.19 -1.73 9.24
CA ILE A 22 -5.27 -0.59 8.30
C ILE A 22 -6.28 -0.91 7.18
N LYS A 23 -7.15 0.03 6.89
CA LYS A 23 -8.16 -0.18 5.83
C LYS A 23 -7.56 0.25 4.49
N GLU A 24 -6.75 1.26 4.48
CA GLU A 24 -6.12 1.69 3.19
C GLU A 24 -4.61 1.76 3.38
N LEU A 25 -3.85 0.92 2.75
CA LEU A 25 -2.38 0.98 2.93
C LEU A 25 -1.81 1.78 1.78
N ARG A 26 -1.43 3.00 2.00
CA ARG A 26 -0.90 3.79 0.91
C ARG A 26 0.60 3.71 0.99
N VAL A 27 1.26 3.62 -0.11
CA VAL A 27 2.76 3.51 -0.05
C VAL A 27 3.38 4.62 -0.90
N ILE A 28 4.07 5.53 -0.29
CA ILE A 28 4.70 6.60 -1.08
C ILE A 28 5.99 6.06 -1.67
N GLU A 29 5.88 5.29 -2.74
CA GLU A 29 7.11 4.70 -3.35
C GLU A 29 7.51 5.44 -4.63
N SER A 30 7.69 6.72 -4.58
CA SER A 30 8.09 7.46 -5.81
C SER A 30 9.59 7.29 -6.02
N GLY A 31 10.18 8.03 -6.92
CA GLY A 31 11.65 7.90 -7.15
C GLY A 31 12.39 8.20 -5.84
N PRO A 32 13.62 8.59 -5.96
CA PRO A 32 14.45 8.92 -4.84
C PRO A 32 14.58 10.43 -4.65
N HIS A 33 14.02 10.94 -3.61
CA HIS A 33 14.08 12.42 -3.37
C HIS A 33 13.74 12.73 -1.92
N CYS A 34 12.47 12.92 -1.63
CA CYS A 34 12.04 13.21 -0.24
C CYS A 34 10.50 13.20 -0.18
N ALA A 35 9.84 13.53 -1.26
CA ALA A 35 8.36 13.52 -1.25
C ALA A 35 7.87 12.13 -0.88
N ASN A 36 7.74 11.29 -1.85
CA ASN A 36 7.25 9.92 -1.58
C ASN A 36 8.36 8.90 -1.77
N THR A 37 8.59 8.11 -0.79
CA THR A 37 9.64 7.08 -0.87
C THR A 37 9.52 6.12 0.32
N GLU A 38 8.49 6.28 1.10
CA GLU A 38 8.30 5.40 2.30
C GLU A 38 6.91 4.73 2.25
N ILE A 39 6.37 4.36 3.39
CA ILE A 39 5.03 3.71 3.35
C ILE A 39 3.98 4.67 3.90
N ILE A 40 2.75 4.34 3.68
CA ILE A 40 1.60 5.19 4.13
C ILE A 40 0.43 4.25 4.46
N VAL A 41 -0.62 4.75 5.03
CA VAL A 41 -1.73 3.88 5.41
C VAL A 41 -2.98 4.68 5.73
N LYS A 42 -4.00 3.96 6.03
CA LYS A 42 -5.28 4.56 6.41
C LYS A 42 -5.83 3.70 7.54
N LEU A 43 -5.23 3.84 8.69
CA LEU A 43 -5.67 3.07 9.90
C LEU A 43 -7.19 2.88 9.81
N SER A 44 -7.63 1.63 9.80
CA SER A 44 -9.11 1.27 9.70
C SER A 44 -10.01 2.51 9.67
N ASP A 45 -11.01 2.57 10.50
CA ASP A 45 -11.93 3.74 10.45
C ASP A 45 -11.56 4.68 11.58
N GLY A 46 -10.29 4.94 11.75
CA GLY A 46 -9.89 5.82 12.87
C GLY A 46 -8.70 6.71 12.50
N ARG A 47 -7.60 6.15 12.03
CA ARG A 47 -6.45 6.99 11.75
C ARG A 47 -6.00 6.82 10.30
N GLU A 48 -5.45 7.85 9.69
CA GLU A 48 -5.04 7.72 8.27
C GLU A 48 -3.95 8.73 7.92
N LEU A 49 -2.74 8.29 7.67
CA LEU A 49 -1.65 9.25 7.38
C LEU A 49 -0.43 8.56 6.78
N CYS A 50 0.75 9.05 7.10
CA CYS A 50 2.01 8.43 6.57
C CYS A 50 2.37 7.19 7.39
N LEU A 51 3.41 6.51 7.00
CA LEU A 51 3.84 5.29 7.73
C LEU A 51 5.31 5.00 7.39
N ASP A 52 6.09 4.60 8.36
CA ASP A 52 7.53 4.33 8.09
C ASP A 52 8.13 3.46 9.22
N PRO A 53 8.13 3.98 10.42
CA PRO A 53 8.68 3.24 11.58
C PRO A 53 7.75 2.10 11.99
N ALA A 54 7.91 1.56 13.16
CA ALA A 54 7.03 0.44 13.60
C ALA A 54 7.17 -0.70 12.59
N SER A 55 6.35 -0.70 11.56
CA SER A 55 6.44 -1.76 10.54
C SER A 55 7.28 -1.23 9.36
N PRO A 56 8.47 -1.74 9.22
CA PRO A 56 9.39 -1.30 8.14
C PRO A 56 9.01 -1.96 6.80
N ILE A 57 7.75 -2.09 6.51
CA ILE A 57 7.33 -2.69 5.24
C ILE A 57 8.05 -2.11 4.08
N VAL A 58 7.92 -0.84 3.97
CA VAL A 58 8.46 -0.16 2.84
C VAL A 58 9.96 -0.33 2.85
N LYS A 59 10.53 -0.47 4.01
CA LYS A 59 11.99 -0.66 4.09
C LYS A 59 12.29 -2.04 3.54
N LYS A 60 11.34 -2.94 3.66
CA LYS A 60 11.54 -4.32 3.14
C LYS A 60 11.28 -4.35 1.64
N ILE A 61 10.56 -3.38 1.13
CA ILE A 61 10.26 -3.34 -0.31
C ILE A 61 11.50 -2.84 -1.05
N ILE A 62 12.21 -1.94 -0.46
CA ILE A 62 13.42 -1.41 -1.09
C ILE A 62 14.55 -2.38 -0.81
N GLU A 63 14.44 -3.00 0.32
CA GLU A 63 15.43 -3.99 0.77
C GLU A 63 15.37 -5.23 -0.11
N LYS A 64 14.21 -5.51 -0.64
CA LYS A 64 14.06 -6.72 -1.50
C LYS A 64 14.82 -6.52 -2.81
N MET A 65 15.35 -5.35 -3.04
CA MET A 65 16.14 -5.14 -4.28
C MET A 65 17.47 -5.85 -4.07
N LEU A 66 18.18 -5.45 -3.05
CA LEU A 66 19.46 -6.09 -2.73
C LEU A 66 19.26 -7.58 -2.53
N ASN A 67 18.39 -7.90 -1.64
CA ASN A 67 18.09 -9.32 -1.33
C ASN A 67 17.69 -10.06 -2.61
N SER A 68 16.95 -9.44 -3.47
CA SER A 68 16.53 -10.11 -4.73
C SER A 68 17.75 -10.43 -5.54
N ASP A 69 18.74 -9.65 -5.36
CA ASP A 69 20.03 -9.85 -6.09
C ASP A 69 20.81 -10.96 -5.40
N LYS A 70 20.56 -11.15 -4.14
CA LYS A 70 21.27 -12.19 -3.37
C LYS A 70 20.45 -13.47 -3.41
N SER A 71 20.00 -13.86 -4.56
CA SER A 71 19.19 -15.10 -4.67
C SER A 71 19.37 -15.71 -6.07
N ASN A 72 20.40 -15.32 -6.77
CA ASN A 72 20.63 -15.86 -8.13
C ASN A 72 22.06 -16.38 -8.25
N SER B 1 -23.71 6.87 3.80
CA SER B 1 -23.82 6.11 2.51
C SER B 1 -22.46 5.53 2.14
N ALA B 2 -22.33 4.24 2.15
CA ALA B 2 -21.03 3.61 1.79
C ALA B 2 -20.69 3.92 0.33
N LYS B 3 -19.45 3.83 -0.04
CA LYS B 3 -19.06 4.13 -1.44
C LYS B 3 -20.03 3.43 -2.40
N GLU B 4 -20.73 4.18 -3.20
CA GLU B 4 -21.68 3.57 -4.16
C GLU B 4 -21.04 2.37 -4.83
N LEU B 5 -19.88 2.55 -5.40
CA LEU B 5 -19.18 1.43 -6.07
C LEU B 5 -19.13 0.21 -5.16
N ARG B 6 -19.79 -0.85 -5.53
CA ARG B 6 -19.79 -2.06 -4.69
C ARG B 6 -18.48 -2.86 -4.92
N CYS B 7 -18.56 -4.02 -5.48
CA CYS B 7 -17.32 -4.81 -5.72
C CYS B 7 -16.72 -4.42 -7.08
N GLN B 8 -16.74 -3.16 -7.40
CA GLN B 8 -16.17 -2.71 -8.71
C GLN B 8 -14.77 -2.12 -8.48
N CYS B 9 -13.95 -2.83 -7.75
CA CYS B 9 -12.58 -2.34 -7.46
C CYS B 9 -11.63 -3.54 -7.40
N ILE B 10 -12.09 -4.68 -7.85
CA ILE B 10 -11.22 -5.88 -7.84
C ILE B 10 -10.30 -5.85 -9.05
N LYS B 11 -10.24 -4.74 -9.74
CA LYS B 11 -9.40 -4.64 -10.96
C LYS B 11 -8.50 -3.41 -10.91
N THR B 12 -7.38 -3.44 -11.60
CA THR B 12 -6.48 -2.25 -11.63
C THR B 12 -7.28 -1.07 -12.16
N TYR B 13 -6.65 0.05 -12.30
CA TYR B 13 -7.40 1.22 -12.79
C TYR B 13 -7.95 0.91 -14.20
N SER B 14 -7.85 1.80 -15.14
CA SER B 14 -8.41 1.45 -16.49
C SER B 14 -7.34 0.75 -17.33
N LYS B 15 -6.13 0.63 -16.84
CA LYS B 15 -5.07 -0.04 -17.63
C LYS B 15 -4.14 -0.84 -16.70
N PRO B 16 -3.50 -1.83 -17.24
CA PRO B 16 -2.54 -2.63 -16.51
C PRO B 16 -1.15 -2.09 -16.71
N PHE B 17 -0.34 -2.37 -15.77
CA PHE B 17 1.02 -1.85 -15.82
C PHE B 17 1.86 -2.47 -14.72
N HIS B 18 3.14 -2.29 -14.74
CA HIS B 18 3.94 -2.82 -13.66
C HIS B 18 3.71 -1.88 -12.49
N PRO B 19 3.21 -2.39 -11.41
CA PRO B 19 2.90 -1.57 -10.26
C PRO B 19 4.21 -1.07 -9.62
N LYS B 20 5.32 -1.50 -10.13
CA LYS B 20 6.63 -1.07 -9.59
C LYS B 20 6.76 0.45 -9.67
N PHE B 21 6.35 1.02 -10.78
CA PHE B 21 6.45 2.49 -10.95
C PHE B 21 5.29 3.20 -10.22
N ILE B 22 4.67 2.56 -9.27
CA ILE B 22 3.57 3.22 -8.55
C ILE B 22 4.11 4.21 -7.52
N LYS B 23 3.57 5.40 -7.48
CA LYS B 23 4.03 6.42 -6.50
C LYS B 23 3.26 6.25 -5.20
N GLU B 24 2.01 5.89 -5.28
CA GLU B 24 1.22 5.69 -4.03
C GLU B 24 0.57 4.31 -4.07
N LEU B 25 0.97 3.40 -3.23
CA LEU B 25 0.35 2.04 -3.25
C LEU B 25 -0.73 2.03 -2.20
N ARG B 26 -1.96 2.10 -2.59
CA ARG B 26 -3.02 2.09 -1.60
C ARG B 26 -3.54 0.69 -1.51
N VAL B 27 -3.84 0.23 -0.34
CA VAL B 27 -4.33 -1.18 -0.22
C VAL B 27 -5.68 -1.21 0.48
N ILE B 28 -6.72 -1.60 -0.20
CA ILE B 28 -8.03 -1.64 0.47
C ILE B 28 -8.12 -2.92 1.28
N GLU B 29 -7.50 -2.93 2.44
CA GLU B 29 -7.51 -4.17 3.26
C GLU B 29 -8.49 -4.04 4.44
N SER B 30 -9.73 -3.74 4.18
CA SER B 30 -10.72 -3.63 5.30
C SER B 30 -11.16 -5.03 5.70
N GLY B 31 -12.19 -5.14 6.52
CA GLY B 31 -12.67 -6.49 6.92
C GLY B 31 -13.08 -7.27 5.66
N PRO B 32 -13.94 -8.23 5.85
CA PRO B 32 -14.43 -9.04 4.79
C PRO B 32 -15.84 -8.63 4.36
N HIS B 33 -15.97 -8.10 3.19
CA HIS B 33 -17.31 -7.65 2.70
C HIS B 33 -17.28 -7.45 1.19
N CYS B 34 -16.92 -6.28 0.75
CA CYS B 34 -16.86 -5.99 -0.72
C CYS B 34 -16.23 -4.61 -0.94
N ALA B 35 -16.40 -3.71 -0.01
CA ALA B 35 -15.80 -2.36 -0.18
C ALA B 35 -14.30 -2.49 -0.35
N ASN B 36 -13.59 -2.52 0.73
CA ASN B 36 -12.13 -2.64 0.66
C ASN B 36 -11.66 -4.01 1.14
N THR B 37 -10.91 -4.66 0.34
CA THR B 37 -10.39 -6.00 0.69
C THR B 37 -9.33 -6.44 -0.31
N GLU B 38 -8.99 -5.57 -1.21
CA GLU B 38 -7.97 -5.92 -2.26
C GLU B 38 -6.82 -4.91 -2.24
N ILE B 39 -6.13 -4.74 -3.35
CA ILE B 39 -5.01 -3.76 -3.35
C ILE B 39 -5.41 -2.52 -4.16
N ILE B 40 -4.65 -1.49 -4.02
CA ILE B 40 -4.91 -0.20 -4.74
C ILE B 40 -3.56 0.46 -5.02
N VAL B 41 -3.53 1.52 -5.77
CA VAL B 41 -2.25 2.14 -6.11
C VAL B 41 -2.45 3.53 -6.70
N LYS B 42 -1.36 4.14 -6.97
CA LYS B 42 -1.34 5.47 -7.58
C LYS B 42 -0.23 5.47 -8.60
N LEU B 43 -0.45 4.78 -9.69
CA LEU B 43 0.57 4.69 -10.79
C LEU B 43 1.33 6.02 -10.83
N SER B 44 2.65 5.96 -10.65
CA SER B 44 3.54 7.19 -10.66
C SER B 44 2.76 8.49 -10.93
N ASP B 45 3.20 9.28 -11.86
CA ASP B 45 2.49 10.56 -12.11
C ASP B 45 1.63 10.39 -13.34
N GLY B 46 0.90 9.30 -13.42
CA GLY B 46 0.07 9.08 -14.62
C GLY B 46 -1.24 8.39 -14.28
N ARG B 47 -1.23 7.25 -13.61
CA ARG B 47 -2.48 6.56 -13.36
C ARG B 47 -2.68 6.33 -11.86
N GLU B 48 -3.90 6.32 -11.38
CA GLU B 48 -4.12 6.14 -9.92
C GLU B 48 -5.51 5.56 -9.65
N LEU B 49 -5.60 4.34 -9.18
CA LEU B 49 -6.95 3.76 -8.96
C LEU B 49 -6.87 2.48 -8.13
N CYS B 50 -7.75 1.53 -8.39
CA CYS B 50 -7.74 0.24 -7.64
C CYS B 50 -6.66 -0.69 -8.19
N LEU B 51 -6.50 -1.83 -7.57
CA LEU B 51 -5.47 -2.80 -8.03
C LEU B 51 -5.82 -4.19 -7.49
N ASP B 52 -5.65 -5.21 -8.29
CA ASP B 52 -6.01 -6.58 -7.83
C ASP B 52 -5.33 -7.63 -8.71
N PRO B 53 -5.66 -7.66 -9.99
CA PRO B 53 -5.06 -8.62 -10.94
C PRO B 53 -3.60 -8.26 -11.24
N ALA B 54 -3.04 -8.80 -12.28
CA ALA B 54 -1.63 -8.49 -12.60
C ALA B 54 -0.76 -8.88 -11.41
N SER B 55 -0.55 -7.96 -10.50
CA SER B 55 0.26 -8.28 -9.29
C SER B 55 -0.69 -8.64 -8.14
N PRO B 56 -0.72 -9.90 -7.78
CA PRO B 56 -1.60 -10.40 -6.71
C PRO B 56 -1.03 -10.08 -5.32
N ILE B 57 -0.43 -8.93 -5.14
CA ILE B 57 0.14 -8.57 -3.85
C ILE B 57 -0.82 -8.82 -2.74
N VAL B 58 -1.93 -8.20 -2.85
CA VAL B 58 -2.89 -8.26 -1.82
C VAL B 58 -3.34 -9.69 -1.63
N LYS B 59 -3.30 -10.44 -2.69
CA LYS B 59 -3.68 -11.86 -2.58
C LYS B 59 -2.61 -12.56 -1.77
N LYS B 60 -1.42 -12.05 -1.83
CA LYS B 60 -0.29 -12.67 -1.06
C LYS B 60 -0.34 -12.19 0.38
N ILE B 61 -1.00 -11.09 0.63
CA ILE B 61 -1.09 -10.56 2.01
C ILE B 61 -2.12 -11.37 2.78
N ILE B 62 -3.15 -11.80 2.12
CA ILE B 62 -4.18 -12.60 2.78
C ILE B 62 -3.71 -14.03 2.79
N GLU B 63 -2.97 -14.35 1.77
CA GLU B 63 -2.41 -15.70 1.61
C GLU B 63 -1.36 -15.96 2.69
N LYS B 64 -0.71 -14.93 3.12
CA LYS B 64 0.35 -15.10 4.16
C LYS B 64 -0.29 -15.50 5.48
N MET B 65 -1.58 -15.51 5.57
CA MET B 65 -2.22 -15.94 6.83
C MET B 65 -2.08 -17.46 6.90
N LEU B 66 -2.60 -18.12 5.90
CA LEU B 66 -2.50 -19.59 5.82
C LEU B 66 -1.04 -19.99 5.87
N ASN B 67 -0.29 -19.47 4.96
CA ASN B 67 1.15 -19.78 4.87
C ASN B 67 1.84 -19.48 6.21
N SER B 68 1.46 -18.42 6.86
CA SER B 68 2.10 -18.09 8.16
C SER B 68 1.81 -19.19 9.16
N ASP B 69 0.73 -19.83 8.94
CA ASP B 69 0.32 -20.96 9.83
C ASP B 69 1.10 -22.20 9.42
N LYS B 70 1.51 -22.25 8.19
CA LYS B 70 2.28 -23.42 7.71
C LYS B 70 3.77 -23.14 7.86
N SER B 71 4.16 -22.69 9.02
CA SER B 71 5.60 -22.39 9.26
C SER B 71 5.92 -22.55 10.75
N ASN B 72 5.07 -23.23 11.47
CA ASN B 72 5.32 -23.42 12.93
C ASN B 72 5.22 -24.90 13.28
N SER A 1 7.22 17.00 17.69
CA SER A 1 8.03 16.70 18.91
C SER A 1 9.44 17.27 18.74
N ALA A 2 10.17 16.79 17.77
CA ALA A 2 11.54 17.30 17.55
C ALA A 2 11.52 18.37 16.45
N LYS A 3 12.68 18.83 16.04
CA LYS A 3 12.74 19.87 14.99
C LYS A 3 11.88 19.44 13.80
N GLU A 4 11.15 20.35 13.23
CA GLU A 4 10.29 20.00 12.06
C GLU A 4 11.10 19.19 11.05
N LEU A 5 10.67 17.97 10.79
CA LEU A 5 11.39 17.13 9.83
C LEU A 5 11.62 17.85 8.51
N ARG A 6 12.11 17.16 7.52
CA ARG A 6 12.37 17.80 6.21
C ARG A 6 11.07 17.89 5.41
N CYS A 7 10.80 16.91 4.61
CA CYS A 7 9.55 16.94 3.79
C CYS A 7 8.34 17.11 4.70
N GLN A 8 7.16 16.88 4.20
CA GLN A 8 5.94 17.04 5.03
C GLN A 8 5.92 15.99 6.15
N CYS A 9 5.57 14.77 5.82
CA CYS A 9 5.52 13.72 6.88
C CYS A 9 6.55 12.63 6.58
N ILE A 10 7.07 12.01 7.59
CA ILE A 10 8.09 10.94 7.37
C ILE A 10 7.71 9.69 8.17
N LYS A 11 6.88 9.83 9.17
CA LYS A 11 6.49 8.67 9.99
C LYS A 11 4.96 8.51 10.01
N THR A 12 4.47 7.68 10.89
CA THR A 12 2.98 7.49 11.00
C THR A 12 2.40 8.66 11.76
N TYR A 13 1.10 8.73 11.82
CA TYR A 13 0.46 9.85 12.53
C TYR A 13 0.95 9.90 13.99
N SER A 14 0.19 10.44 14.91
CA SER A 14 0.72 10.56 16.31
C SER A 14 0.30 9.41 17.23
N LYS A 15 -0.19 8.32 16.71
CA LYS A 15 -0.60 7.20 17.62
C LYS A 15 -0.29 5.85 16.98
N PRO A 16 0.90 5.35 17.14
CA PRO A 16 1.25 4.08 16.55
C PRO A 16 0.29 3.00 16.90
N PHE A 17 0.19 2.09 16.00
CA PHE A 17 -0.80 1.02 16.14
C PHE A 17 -0.42 -0.15 15.24
N HIS A 18 -1.12 -1.24 15.35
CA HIS A 18 -0.85 -2.35 14.44
C HIS A 18 -1.45 -1.93 13.11
N PRO A 19 -0.61 -1.75 12.13
CA PRO A 19 -1.07 -1.30 10.82
C PRO A 19 -1.93 -2.37 10.16
N LYS A 20 -2.02 -3.53 10.75
CA LYS A 20 -2.85 -4.61 10.18
C LYS A 20 -4.30 -4.14 10.08
N PHE A 21 -4.73 -3.37 11.04
CA PHE A 21 -6.13 -2.86 11.05
C PHE A 21 -6.27 -1.66 10.11
N ILE A 22 -5.37 -1.48 9.19
CA ILE A 22 -5.49 -0.31 8.29
C ILE A 22 -6.49 -0.58 7.17
N LYS A 23 -7.36 0.34 6.91
CA LYS A 23 -8.36 0.16 5.83
C LYS A 23 -7.71 0.51 4.49
N GLU A 24 -6.81 1.47 4.49
CA GLU A 24 -6.14 1.82 3.20
C GLU A 24 -4.63 1.87 3.42
N LEU A 25 -3.88 1.05 2.76
CA LEU A 25 -2.40 1.09 2.94
C LEU A 25 -1.83 1.87 1.79
N ARG A 26 -1.45 3.10 2.01
CA ARG A 26 -0.93 3.90 0.92
C ARG A 26 0.58 3.88 0.99
N VAL A 27 1.22 3.76 -0.13
CA VAL A 27 2.71 3.70 -0.12
C VAL A 27 3.29 4.76 -1.05
N ILE A 28 3.89 5.79 -0.52
CA ILE A 28 4.46 6.81 -1.41
C ILE A 28 5.77 6.26 -1.97
N GLU A 29 5.68 5.45 -3.00
CA GLU A 29 6.92 4.85 -3.56
C GLU A 29 7.32 5.54 -4.87
N SER A 30 7.53 6.83 -4.86
CA SER A 30 7.92 7.52 -6.11
C SER A 30 9.42 7.32 -6.34
N GLY A 31 10.03 8.14 -7.15
CA GLY A 31 11.49 7.98 -7.39
C GLY A 31 12.25 8.34 -6.11
N PRO A 32 13.47 8.75 -6.26
CA PRO A 32 14.30 9.14 -5.17
C PRO A 32 14.38 10.66 -5.04
N HIS A 33 13.80 11.21 -4.03
CA HIS A 33 13.83 12.69 -3.84
C HIS A 33 13.49 13.05 -2.40
N CYS A 34 12.22 13.22 -2.11
CA CYS A 34 11.81 13.57 -0.72
C CYS A 34 10.27 13.58 -0.63
N ALA A 35 9.61 13.91 -1.69
CA ALA A 35 8.12 13.94 -1.67
C ALA A 35 7.59 12.57 -1.28
N ASN A 36 7.40 11.73 -2.26
CA ASN A 36 6.87 10.38 -1.99
C ASN A 36 7.94 9.33 -2.22
N THR A 37 8.18 8.53 -1.23
CA THR A 37 9.21 7.48 -1.37
C THR A 37 9.17 6.56 -0.13
N GLU A 38 8.21 6.76 0.71
CA GLU A 38 8.11 5.93 1.95
C GLU A 38 6.83 5.10 1.96
N ILE A 39 6.45 4.57 3.10
CA ILE A 39 5.20 3.78 3.15
C ILE A 39 4.11 4.68 3.74
N ILE A 40 2.88 4.27 3.67
CA ILE A 40 1.78 5.12 4.20
C ILE A 40 0.53 4.23 4.45
N VAL A 41 -0.50 4.75 5.05
CA VAL A 41 -1.66 3.91 5.36
C VAL A 41 -2.86 4.76 5.74
N LYS A 42 -3.91 4.11 6.08
CA LYS A 42 -5.14 4.78 6.51
C LYS A 42 -5.73 3.96 7.64
N LEU A 43 -5.26 4.22 8.83
CA LEU A 43 -5.76 3.43 10.02
C LEU A 43 -7.26 3.19 9.86
N SER A 44 -7.69 1.94 9.88
CA SER A 44 -9.14 1.54 9.75
C SER A 44 -10.07 2.76 9.62
N ASP A 45 -11.13 2.80 10.38
CA ASP A 45 -12.07 3.95 10.26
C ASP A 45 -11.79 4.92 11.39
N GLY A 46 -10.54 5.17 11.65
CA GLY A 46 -10.21 6.08 12.77
C GLY A 46 -9.02 6.99 12.44
N ARG A 47 -7.90 6.45 12.03
CA ARG A 47 -6.75 7.30 11.78
C ARG A 47 -6.22 7.06 10.39
N GLU A 48 -5.53 8.00 9.81
CA GLU A 48 -5.02 7.76 8.44
C GLU A 48 -3.88 8.75 8.18
N LEU A 49 -2.73 8.27 7.83
CA LEU A 49 -1.59 9.21 7.63
C LEU A 49 -0.46 8.50 6.92
N CYS A 50 0.72 9.04 6.96
CA CYS A 50 1.86 8.38 6.28
C CYS A 50 2.36 7.23 7.15
N LEU A 51 3.43 6.58 6.75
CA LEU A 51 3.93 5.44 7.56
C LEU A 51 5.40 5.11 7.20
N ASP A 52 6.27 5.14 8.18
CA ASP A 52 7.71 4.86 7.94
C ASP A 52 8.37 4.53 9.28
N PRO A 53 8.16 3.32 9.75
CA PRO A 53 8.72 2.85 11.03
C PRO A 53 10.22 2.57 10.93
N ALA A 54 10.77 1.90 11.91
CA ALA A 54 12.24 1.60 11.90
C ALA A 54 12.68 1.15 10.50
N SER A 55 12.67 -0.14 10.25
CA SER A 55 13.09 -0.63 8.92
C SER A 55 11.90 -1.27 8.20
N PRO A 56 11.05 -0.43 7.65
CA PRO A 56 9.85 -0.88 6.93
C PRO A 56 10.19 -1.35 5.52
N ILE A 57 9.28 -2.05 4.91
CA ILE A 57 9.48 -2.54 3.54
C ILE A 57 9.99 -1.48 2.63
N VAL A 58 9.29 -0.42 2.65
CA VAL A 58 9.55 0.67 1.77
C VAL A 58 10.98 1.14 1.99
N LYS A 59 11.40 1.15 3.22
CA LYS A 59 12.78 1.57 3.51
C LYS A 59 13.73 0.50 3.01
N LYS A 60 13.27 -0.72 2.94
CA LYS A 60 14.14 -1.82 2.45
C LYS A 60 14.18 -1.79 0.92
N ILE A 61 13.21 -1.17 0.32
CA ILE A 61 13.17 -1.10 -1.16
C ILE A 61 14.15 -0.02 -1.61
N ILE A 62 14.27 1.02 -0.85
CA ILE A 62 15.19 2.10 -1.20
C ILE A 62 16.57 1.70 -0.71
N GLU A 63 16.58 0.92 0.31
CA GLU A 63 17.82 0.43 0.93
C GLU A 63 18.52 -0.55 0.00
N LYS A 64 17.77 -1.27 -0.78
CA LYS A 64 18.39 -2.27 -1.69
C LYS A 64 19.30 -1.58 -2.69
N MET A 65 19.25 -0.28 -2.78
CA MET A 65 20.17 0.41 -3.72
C MET A 65 21.59 0.23 -3.20
N LEU A 66 21.82 0.67 -1.99
CA LEU A 66 23.15 0.52 -1.36
C LEU A 66 23.54 -0.94 -1.28
N ASN A 67 22.71 -1.69 -0.65
CA ASN A 67 22.97 -3.14 -0.46
C ASN A 67 23.39 -3.80 -1.77
N SER A 68 22.63 -3.62 -2.82
CA SER A 68 23.00 -4.25 -4.11
C SER A 68 24.30 -3.66 -4.60
N ASP A 69 24.56 -2.48 -4.17
CA ASP A 69 25.81 -1.77 -4.57
C ASP A 69 26.96 -2.30 -3.73
N LYS A 70 26.64 -2.91 -2.62
CA LYS A 70 27.70 -3.44 -1.73
C LYS A 70 28.08 -4.84 -2.19
N SER A 71 28.34 -5.01 -3.45
CA SER A 71 28.72 -6.35 -3.98
C SER A 71 30.10 -6.74 -3.45
N ASN A 72 30.76 -5.84 -2.77
CA ASN A 72 32.11 -6.16 -2.23
C ASN A 72 32.15 -5.80 -0.74
N SER B 1 -16.38 -3.16 -19.39
CA SER B 1 -16.28 -4.20 -20.44
C SER B 1 -17.38 -5.25 -20.22
N ALA B 2 -17.34 -5.92 -19.11
CA ALA B 2 -18.38 -6.96 -18.82
C ALA B 2 -19.47 -6.36 -17.94
N LYS B 3 -20.39 -7.17 -17.48
CA LYS B 3 -21.47 -6.65 -16.62
C LYS B 3 -20.88 -5.83 -15.46
N GLU B 4 -21.48 -4.72 -15.14
CA GLU B 4 -20.96 -3.88 -14.04
C GLU B 4 -20.64 -4.76 -12.83
N LEU B 5 -19.41 -4.78 -12.41
CA LEU B 5 -19.02 -5.60 -11.25
C LEU B 5 -19.93 -5.31 -10.05
N ARG B 6 -19.60 -5.85 -8.91
CA ARG B 6 -20.42 -5.63 -7.70
C ARG B 6 -20.09 -4.28 -7.08
N CYS B 7 -19.17 -4.26 -6.15
CA CYS B 7 -18.79 -2.98 -5.50
C CYS B 7 -18.37 -1.97 -6.55
N GLN B 8 -17.75 -0.90 -6.15
CA GLN B 8 -17.33 0.14 -7.13
C GLN B 8 -16.23 -0.42 -8.05
N CYS B 9 -15.02 -0.50 -7.57
CA CYS B 9 -13.91 -1.03 -8.43
C CYS B 9 -13.37 -2.33 -7.83
N ILE B 10 -12.91 -3.22 -8.67
CA ILE B 10 -12.35 -4.50 -8.17
C ILE B 10 -10.97 -4.76 -8.78
N LYS B 11 -10.67 -4.11 -9.86
CA LYS B 11 -9.35 -4.34 -10.52
C LYS B 11 -8.61 -2.99 -10.69
N THR B 12 -7.55 -3.00 -11.46
CA THR B 12 -6.78 -1.75 -11.70
C THR B 12 -7.52 -0.90 -12.70
N TYR B 13 -7.07 0.30 -12.91
CA TYR B 13 -7.76 1.18 -13.87
C TYR B 13 -7.84 0.52 -15.26
N SER B 14 -7.93 1.26 -16.33
CA SER B 14 -8.10 0.59 -17.66
C SER B 14 -6.76 0.39 -18.42
N LYS B 15 -5.63 0.50 -17.77
CA LYS B 15 -4.36 0.30 -18.53
C LYS B 15 -3.32 -0.38 -17.64
N PRO B 16 -3.32 -1.67 -17.58
CA PRO B 16 -2.37 -2.37 -16.75
C PRO B 16 -0.95 -1.96 -17.02
N PHE B 17 -0.20 -2.06 -16.00
CA PHE B 17 1.20 -1.58 -16.06
C PHE B 17 2.00 -2.21 -14.94
N HIS B 18 3.29 -2.01 -14.94
CA HIS B 18 4.08 -2.52 -13.84
C HIS B 18 3.80 -1.60 -12.67
N PRO B 19 3.20 -2.13 -11.65
CA PRO B 19 2.82 -1.33 -10.49
C PRO B 19 4.06 -0.82 -9.76
N LYS B 20 5.21 -1.28 -10.15
CA LYS B 20 6.46 -0.83 -9.51
C LYS B 20 6.60 0.68 -9.65
N PHE B 21 6.18 1.20 -10.76
CA PHE B 21 6.27 2.67 -11.00
C PHE B 21 5.12 3.40 -10.31
N ILE B 22 4.50 2.81 -9.33
CA ILE B 22 3.38 3.50 -8.66
C ILE B 22 3.91 4.50 -7.63
N LYS B 23 3.38 5.69 -7.64
CA LYS B 23 3.81 6.70 -6.64
C LYS B 23 3.08 6.47 -5.33
N GLU B 24 1.86 6.01 -5.38
CA GLU B 24 1.12 5.74 -4.11
C GLU B 24 0.51 4.35 -4.17
N LEU B 25 0.89 3.46 -3.29
CA LEU B 25 0.28 2.10 -3.32
C LEU B 25 -0.79 2.08 -2.26
N ARG B 26 -2.02 2.14 -2.64
CA ARG B 26 -3.09 2.15 -1.65
C ARG B 26 -3.66 0.76 -1.54
N VAL B 27 -3.93 0.32 -0.35
CA VAL B 27 -4.46 -1.07 -0.19
C VAL B 27 -5.76 -1.03 0.60
N ILE B 28 -6.87 -1.29 -0.02
CA ILE B 28 -8.13 -1.28 0.75
C ILE B 28 -8.21 -2.58 1.53
N GLU B 29 -7.56 -2.63 2.65
CA GLU B 29 -7.57 -3.91 3.45
C GLU B 29 -8.50 -3.78 4.66
N SER B 30 -9.76 -3.49 4.45
CA SER B 30 -10.69 -3.38 5.61
C SER B 30 -11.11 -4.79 6.04
N GLY B 31 -12.19 -4.90 6.75
CA GLY B 31 -12.65 -6.25 7.17
C GLY B 31 -13.14 -7.01 5.93
N PRO B 32 -14.02 -7.95 6.15
CA PRO B 32 -14.58 -8.75 5.11
C PRO B 32 -15.98 -8.27 4.74
N HIS B 33 -16.13 -7.71 3.59
CA HIS B 33 -17.48 -7.20 3.17
C HIS B 33 -17.50 -7.00 1.65
N CYS B 34 -17.13 -5.83 1.20
CA CYS B 34 -17.13 -5.56 -0.26
C CYS B 34 -16.53 -4.17 -0.53
N ALA B 35 -16.68 -3.26 0.39
CA ALA B 35 -16.11 -1.89 0.19
C ALA B 35 -14.61 -1.99 -0.01
N ASN B 36 -13.88 -1.96 1.06
CA ASN B 36 -12.41 -2.04 0.97
C ASN B 36 -11.90 -3.37 1.48
N THR B 37 -11.15 -4.05 0.69
CA THR B 37 -10.62 -5.37 1.10
C THR B 37 -9.63 -5.87 0.05
N GLU B 38 -9.34 -5.07 -0.92
CA GLU B 38 -8.41 -5.50 -2.01
C GLU B 38 -7.14 -4.64 -2.02
N ILE B 39 -6.38 -4.68 -3.08
CA ILE B 39 -5.16 -3.85 -3.14
C ILE B 39 -5.48 -2.62 -3.99
N ILE B 40 -4.62 -1.64 -3.98
CA ILE B 40 -4.90 -0.40 -4.77
C ILE B 40 -3.57 0.36 -5.00
N VAL B 41 -3.57 1.40 -5.78
CA VAL B 41 -2.30 2.08 -6.09
C VAL B 41 -2.58 3.43 -6.73
N LYS B 42 -1.51 4.09 -7.07
CA LYS B 42 -1.59 5.40 -7.74
C LYS B 42 -0.49 5.43 -8.77
N LEU B 43 -0.77 4.91 -9.93
CA LEU B 43 0.27 4.87 -11.02
C LEU B 43 1.06 6.17 -10.99
N SER B 44 2.38 6.08 -10.83
CA SER B 44 3.31 7.28 -10.80
C SER B 44 2.55 8.61 -10.99
N ASP B 45 3.01 9.46 -11.86
CA ASP B 45 2.32 10.78 -12.03
C ASP B 45 1.46 10.69 -13.28
N GLY B 46 0.76 9.60 -13.43
CA GLY B 46 -0.07 9.47 -14.65
C GLY B 46 -1.41 8.78 -14.34
N ARG B 47 -1.40 7.61 -13.73
CA ARG B 47 -2.67 6.93 -13.50
C ARG B 47 -2.82 6.58 -12.03
N GLU B 48 -4.00 6.40 -11.55
CA GLU B 48 -4.14 6.08 -10.12
C GLU B 48 -5.53 5.46 -9.91
N LEU B 49 -5.59 4.28 -9.36
CA LEU B 49 -6.91 3.63 -9.20
C LEU B 49 -6.79 2.46 -8.24
N CYS B 50 -7.75 1.57 -8.25
CA CYS B 50 -7.69 0.40 -7.35
C CYS B 50 -6.73 -0.64 -7.95
N LEU B 51 -6.60 -1.78 -7.34
CA LEU B 51 -5.67 -2.81 -7.88
C LEU B 51 -6.00 -4.21 -7.30
N ASP B 52 -6.26 -5.14 -8.18
CA ASP B 52 -6.60 -6.53 -7.73
C ASP B 52 -6.41 -7.49 -8.92
N PRO B 53 -5.17 -7.81 -9.19
CA PRO B 53 -4.82 -8.72 -10.32
C PRO B 53 -5.18 -10.17 -10.00
N ALA B 54 -4.66 -11.10 -10.78
CA ALA B 54 -4.97 -12.54 -10.57
C ALA B 54 -4.89 -12.88 -9.08
N SER B 55 -3.75 -13.31 -8.62
CA SER B 55 -3.61 -13.67 -7.18
C SER B 55 -2.64 -12.70 -6.50
N PRO B 56 -3.13 -11.52 -6.20
CA PRO B 56 -2.33 -10.47 -5.54
C PRO B 56 -2.20 -10.72 -4.05
N ILE B 57 -1.26 -10.05 -3.42
CA ILE B 57 -1.04 -10.18 -1.98
C ILE B 57 -2.32 -10.11 -1.22
N VAL B 58 -3.00 -9.07 -1.49
CA VAL B 58 -4.20 -8.75 -0.80
C VAL B 58 -5.17 -9.92 -0.93
N LYS B 59 -5.20 -10.51 -2.09
CA LYS B 59 -6.11 -11.65 -2.29
C LYS B 59 -5.56 -12.84 -1.51
N LYS B 60 -4.28 -12.86 -1.29
CA LYS B 60 -3.67 -13.99 -0.54
C LYS B 60 -3.88 -13.76 0.97
N ILE B 61 -4.13 -12.54 1.36
CA ILE B 61 -4.35 -12.23 2.78
C ILE B 61 -5.78 -12.64 3.15
N ILE B 62 -6.68 -12.49 2.24
CA ILE B 62 -8.07 -12.86 2.50
C ILE B 62 -8.20 -14.35 2.25
N GLU B 63 -7.37 -14.82 1.37
CA GLU B 63 -7.36 -16.24 0.99
C GLU B 63 -6.84 -17.10 2.15
N LYS B 64 -5.97 -16.56 2.93
CA LYS B 64 -5.41 -17.34 4.07
C LYS B 64 -6.52 -17.75 5.03
N MET B 65 -7.69 -17.20 4.90
CA MET B 65 -8.78 -17.61 5.81
C MET B 65 -9.12 -19.07 5.48
N LEU B 66 -9.47 -19.31 4.25
CA LEU B 66 -9.81 -20.68 3.80
C LEU B 66 -8.62 -21.60 4.00
N ASN B 67 -7.53 -21.24 3.43
CA ASN B 67 -6.29 -22.04 3.51
C ASN B 67 -6.00 -22.46 4.95
N SER B 68 -5.98 -21.53 5.87
CA SER B 68 -5.70 -21.88 7.28
C SER B 68 -6.81 -22.76 7.82
N ASP B 69 -7.94 -22.63 7.21
CA ASP B 69 -9.12 -23.44 7.63
C ASP B 69 -9.00 -24.82 7.01
N LYS B 70 -8.21 -24.95 5.99
CA LYS B 70 -8.03 -26.26 5.34
C LYS B 70 -6.95 -27.06 6.05
N SER B 71 -7.05 -27.14 7.35
CA SER B 71 -6.03 -27.90 8.14
C SER B 71 -6.18 -29.40 7.83
N ASN B 72 -7.17 -29.77 7.09
CA ASN B 72 -7.36 -31.22 6.76
C ASN B 72 -7.53 -31.37 5.24
N SER A 1 6.07 24.21 5.60
CA SER A 1 7.39 23.83 6.18
C SER A 1 7.18 22.76 7.25
N ALA A 2 7.48 21.52 6.92
CA ALA A 2 7.29 20.43 7.92
C ALA A 2 8.22 20.67 9.12
N LYS A 3 8.09 19.88 10.15
CA LYS A 3 8.95 20.05 11.34
C LYS A 3 10.42 19.94 10.94
N GLU A 4 11.30 20.08 11.88
CA GLU A 4 12.75 19.98 11.57
C GLU A 4 13.03 18.76 10.70
N LEU A 5 12.66 17.60 11.15
CA LEU A 5 12.91 16.37 10.36
C LEU A 5 12.56 16.60 8.89
N ARG A 6 13.37 16.07 8.00
CA ARG A 6 13.11 16.25 6.56
C ARG A 6 12.06 15.23 6.09
N CYS A 7 11.93 15.05 4.81
CA CYS A 7 10.93 14.07 4.29
C CYS A 7 11.13 12.73 4.99
N GLN A 8 12.31 12.49 5.51
CA GLN A 8 12.57 11.19 6.20
C GLN A 8 11.41 10.85 7.14
N CYS A 9 10.47 10.07 6.69
CA CYS A 9 9.32 9.71 7.57
C CYS A 9 9.50 8.27 8.07
N ILE A 10 10.29 8.07 9.08
CA ILE A 10 10.51 6.69 9.60
C ILE A 10 9.47 6.41 10.70
N LYS A 11 8.59 7.32 10.94
CA LYS A 11 7.57 7.11 12.00
C LYS A 11 6.21 6.84 11.36
N THR A 12 5.36 6.11 12.03
CA THR A 12 4.01 5.82 11.47
C THR A 12 3.23 7.11 11.28
N TYR A 13 2.00 6.98 10.93
CA TYR A 13 1.17 8.17 10.72
C TYR A 13 1.36 9.11 11.90
N SER A 14 1.47 8.53 13.05
CA SER A 14 1.65 9.32 14.29
C SER A 14 1.86 8.33 15.43
N LYS A 15 1.19 7.22 15.34
CA LYS A 15 1.25 6.18 16.38
C LYS A 15 1.42 4.81 15.72
N PRO A 16 1.99 3.89 16.43
CA PRO A 16 2.14 2.53 15.97
C PRO A 16 0.93 1.73 16.33
N PHE A 17 0.69 0.74 15.55
CA PHE A 17 -0.50 -0.08 15.77
C PHE A 17 -0.40 -1.34 14.93
N HIS A 18 -1.39 -2.19 15.00
CA HIS A 18 -1.37 -3.37 14.15
C HIS A 18 -1.73 -2.88 12.76
N PRO A 19 -0.79 -2.94 11.86
CA PRO A 19 -1.01 -2.44 10.52
C PRO A 19 -1.99 -3.35 9.77
N LYS A 20 -2.34 -4.45 10.37
CA LYS A 20 -3.29 -5.40 9.75
C LYS A 20 -4.66 -4.78 9.64
N PHE A 21 -5.03 -4.00 10.63
CA PHE A 21 -6.36 -3.34 10.62
C PHE A 21 -6.32 -2.10 9.73
N ILE A 22 -5.36 -1.98 8.86
CA ILE A 22 -5.30 -0.79 7.98
C ILE A 22 -6.29 -0.96 6.82
N LYS A 23 -7.14 0.01 6.62
CA LYS A 23 -8.12 -0.07 5.50
C LYS A 23 -7.43 0.27 4.19
N GLU A 24 -6.54 1.22 4.20
CA GLU A 24 -5.84 1.56 2.93
C GLU A 24 -4.33 1.63 3.21
N LEU A 25 -3.59 0.66 2.75
CA LEU A 25 -2.11 0.67 2.97
C LEU A 25 -1.49 1.43 1.82
N ARG A 26 -1.12 2.66 2.01
CA ARG A 26 -0.57 3.39 0.89
C ARG A 26 0.93 3.41 0.99
N VAL A 27 1.60 3.16 -0.08
CA VAL A 27 3.08 3.14 -0.04
C VAL A 27 3.60 4.34 -0.81
N ILE A 28 4.21 5.27 -0.15
CA ILE A 28 4.72 6.44 -0.87
C ILE A 28 6.03 6.06 -1.53
N GLU A 29 5.97 5.35 -2.63
CA GLU A 29 7.22 4.90 -3.30
C GLU A 29 7.44 5.69 -4.60
N SER A 30 7.63 6.98 -4.52
CA SER A 30 7.86 7.77 -5.75
C SER A 30 9.32 7.60 -6.17
N GLY A 31 9.75 8.28 -7.20
CA GLY A 31 11.17 8.15 -7.63
C GLY A 31 12.08 8.60 -6.48
N PRO A 32 13.24 9.09 -6.81
CA PRO A 32 14.18 9.55 -5.85
C PRO A 32 14.17 11.07 -5.74
N HIS A 33 13.68 11.57 -4.67
CA HIS A 33 13.63 13.06 -4.48
C HIS A 33 13.40 13.40 -3.00
N CYS A 34 12.17 13.48 -2.58
CA CYS A 34 11.88 13.80 -1.16
C CYS A 34 10.37 13.70 -0.88
N ALA A 35 9.55 13.87 -1.88
CA ALA A 35 8.08 13.76 -1.67
C ALA A 35 7.73 12.39 -1.10
N ASN A 36 7.53 11.45 -1.96
CA ASN A 36 7.17 10.08 -1.51
C ASN A 36 8.30 9.11 -1.77
N THR A 37 8.54 8.25 -0.85
CA THR A 37 9.62 7.25 -1.01
C THR A 37 9.59 6.24 0.15
N GLU A 38 8.66 6.40 1.06
CA GLU A 38 8.58 5.47 2.24
C GLU A 38 7.25 4.69 2.21
N ILE A 39 6.81 4.18 3.34
CA ILE A 39 5.53 3.43 3.35
C ILE A 39 4.43 4.37 3.84
N ILE A 40 3.19 3.97 3.70
CA ILE A 40 2.06 4.83 4.17
C ILE A 40 0.85 3.91 4.44
N VAL A 41 -0.18 4.41 5.04
CA VAL A 41 -1.33 3.56 5.37
C VAL A 41 -2.55 4.40 5.70
N LYS A 42 -3.61 3.70 5.89
CA LYS A 42 -4.89 4.33 6.26
C LYS A 42 -5.51 3.50 7.36
N LEU A 43 -4.90 3.55 8.52
CA LEU A 43 -5.41 2.79 9.70
C LEU A 43 -6.94 2.76 9.65
N SER A 44 -7.52 1.58 9.57
CA SER A 44 -9.03 1.39 9.51
C SER A 44 -9.78 2.73 9.58
N ASP A 45 -10.73 2.86 10.47
CA ASP A 45 -11.50 4.13 10.54
C ASP A 45 -10.98 4.95 11.69
N GLY A 46 -9.68 5.03 11.84
CA GLY A 46 -9.13 5.80 12.97
C GLY A 46 -7.91 6.60 12.56
N ARG A 47 -6.90 5.98 12.00
CA ARG A 47 -5.68 6.73 11.66
C ARG A 47 -5.35 6.56 10.18
N GLU A 48 -4.73 7.53 9.56
CA GLU A 48 -4.42 7.38 8.12
C GLU A 48 -3.36 8.41 7.71
N LEU A 49 -2.13 8.00 7.56
CA LEU A 49 -1.08 9.00 7.20
C LEU A 49 0.21 8.30 6.73
N CYS A 50 1.36 8.77 7.14
CA CYS A 50 2.63 8.15 6.70
C CYS A 50 2.91 6.86 7.50
N LEU A 51 3.75 6.01 6.98
CA LEU A 51 4.06 4.73 7.68
C LEU A 51 5.49 4.28 7.34
N ASP A 52 6.20 3.77 8.30
CA ASP A 52 7.59 3.29 8.07
C ASP A 52 7.97 2.32 9.19
N PRO A 53 7.23 1.25 9.30
CA PRO A 53 7.44 0.22 10.34
C PRO A 53 8.63 -0.68 9.99
N ALA A 54 8.71 -1.82 10.62
CA ALA A 54 9.83 -2.76 10.34
C ALA A 54 9.95 -2.99 8.84
N SER A 55 8.88 -2.85 8.11
CA SER A 55 8.94 -3.04 6.63
C SER A 55 10.25 -2.44 6.08
N PRO A 56 11.21 -3.29 5.85
CA PRO A 56 12.53 -2.87 5.34
C PRO A 56 12.46 -2.56 3.84
N ILE A 57 11.45 -3.04 3.16
CA ILE A 57 11.31 -2.79 1.72
C ILE A 57 11.51 -1.35 1.40
N VAL A 58 10.71 -0.57 2.02
CA VAL A 58 10.71 0.81 1.73
C VAL A 58 12.06 1.37 2.18
N LYS A 59 12.65 0.71 3.14
CA LYS A 59 13.97 1.14 3.64
C LYS A 59 15.01 0.83 2.57
N LYS A 60 14.70 -0.12 1.73
CA LYS A 60 15.65 -0.47 0.63
C LYS A 60 15.52 0.56 -0.48
N ILE A 61 14.35 1.12 -0.64
CA ILE A 61 14.13 2.14 -1.68
C ILE A 61 14.85 3.42 -1.29
N ILE A 62 14.93 3.68 0.00
CA ILE A 62 15.61 4.88 0.48
C ILE A 62 17.09 4.59 0.55
N GLU A 63 17.37 3.35 0.82
CA GLU A 63 18.75 2.87 0.95
C GLU A 63 19.48 2.95 -0.39
N LYS A 64 18.75 2.82 -1.45
CA LYS A 64 19.37 2.87 -2.80
C LYS A 64 20.03 4.23 -3.02
N MET A 65 19.69 5.21 -2.24
CA MET A 65 20.35 6.53 -2.43
C MET A 65 21.82 6.36 -2.06
N LEU A 66 22.07 5.95 -0.85
CA LEU A 66 23.45 5.72 -0.39
C LEU A 66 24.14 4.72 -1.28
N ASN A 67 23.54 3.58 -1.39
CA ASN A 67 24.10 2.49 -2.23
C ASN A 67 24.40 2.99 -3.64
N SER A 68 23.61 3.90 -4.14
CA SER A 68 23.87 4.41 -5.51
C SER A 68 25.13 5.24 -5.50
N ASP A 69 25.35 5.85 -4.42
CA ASP A 69 26.56 6.70 -4.25
C ASP A 69 27.75 5.81 -3.92
N LYS A 70 27.48 4.58 -3.58
CA LYS A 70 28.58 3.64 -3.24
C LYS A 70 29.11 2.99 -4.51
N SER A 71 29.34 3.78 -5.53
CA SER A 71 29.87 3.21 -6.80
C SER A 71 31.39 3.34 -6.81
N ASN A 72 31.97 3.85 -5.76
CA ASN A 72 33.44 3.99 -5.71
C ASN A 72 33.87 4.38 -4.29
N SER B 1 -23.86 2.63 -8.84
CA SER B 1 -23.97 1.18 -9.20
C SER B 1 -22.79 0.78 -10.09
N ALA B 2 -21.82 0.11 -9.54
CA ALA B 2 -20.63 -0.31 -10.35
C ALA B 2 -21.10 -1.26 -11.46
N LYS B 3 -20.20 -1.61 -12.35
CA LYS B 3 -20.58 -2.52 -13.45
C LYS B 3 -21.10 -3.83 -12.87
N GLU B 4 -21.48 -4.76 -13.72
CA GLU B 4 -22.00 -6.06 -13.24
C GLU B 4 -21.10 -6.63 -12.14
N LEU B 5 -19.83 -6.80 -12.43
CA LEU B 5 -18.89 -7.35 -11.44
C LEU B 5 -19.12 -6.71 -10.07
N ARG B 6 -19.06 -7.49 -9.02
CA ARG B 6 -19.28 -6.95 -7.67
C ARG B 6 -17.99 -6.30 -7.15
N CYS B 7 -17.91 -6.03 -5.88
CA CYS B 7 -16.68 -5.39 -5.33
C CYS B 7 -15.46 -6.20 -5.77
N GLN B 8 -15.64 -7.45 -6.10
CA GLN B 8 -14.49 -8.29 -6.54
C GLN B 8 -13.63 -7.52 -7.53
N CYS B 9 -12.59 -6.88 -7.07
CA CYS B 9 -11.71 -6.12 -8.00
C CYS B 9 -10.41 -6.90 -8.23
N ILE B 10 -10.44 -7.88 -9.09
CA ILE B 10 -9.20 -8.67 -9.36
C ILE B 10 -8.41 -8.04 -10.50
N LYS B 11 -8.87 -6.91 -10.99
CA LYS B 11 -8.16 -6.25 -12.10
C LYS B 11 -7.44 -4.99 -11.59
N THR B 12 -6.37 -4.61 -12.22
CA THR B 12 -5.63 -3.40 -11.77
C THR B 12 -6.52 -2.19 -11.89
N TYR B 13 -5.95 -1.04 -11.66
CA TYR B 13 -6.74 0.20 -11.74
C TYR B 13 -7.53 0.17 -13.04
N SER B 14 -6.93 -0.33 -14.06
CA SER B 14 -7.58 -0.41 -15.38
C SER B 14 -6.64 -1.16 -16.31
N LYS B 15 -5.37 -0.95 -16.11
CA LYS B 15 -4.34 -1.58 -16.94
C LYS B 15 -3.22 -2.14 -16.06
N PRO B 16 -2.53 -3.13 -16.54
CA PRO B 16 -1.40 -3.68 -15.85
C PRO B 16 -0.15 -2.95 -16.20
N PHE B 17 0.75 -2.98 -15.31
CA PHE B 17 2.01 -2.24 -15.51
C PHE B 17 3.01 -2.66 -14.47
N HIS B 18 4.19 -2.09 -14.50
CA HIS B 18 5.17 -2.40 -13.49
C HIS B 18 4.72 -1.66 -12.24
N PRO B 19 4.30 -2.38 -11.24
CA PRO B 19 3.79 -1.77 -10.03
C PRO B 19 4.92 -1.09 -9.27
N LYS B 20 6.13 -1.29 -9.71
CA LYS B 20 7.31 -0.68 -9.05
C LYS B 20 7.26 0.83 -9.20
N PHE B 21 6.82 1.29 -10.33
CA PHE B 21 6.74 2.75 -10.59
C PHE B 21 5.49 3.35 -9.91
N ILE B 22 4.90 2.65 -8.98
CA ILE B 22 3.71 3.18 -8.30
C ILE B 22 4.12 4.22 -7.26
N LYS B 23 3.55 5.39 -7.31
CA LYS B 23 3.90 6.45 -6.32
C LYS B 23 3.17 6.16 -5.02
N GLU B 24 1.95 5.72 -5.08
CA GLU B 24 1.23 5.40 -3.81
C GLU B 24 0.60 4.02 -3.91
N LEU B 25 1.14 3.05 -3.21
CA LEU B 25 0.56 1.67 -3.28
C LEU B 25 -0.49 1.60 -2.22
N ARG B 26 -1.75 1.68 -2.56
CA ARG B 26 -2.76 1.65 -1.52
C ARG B 26 -3.36 0.27 -1.45
N VAL B 27 -3.51 -0.26 -0.28
CA VAL B 27 -4.07 -1.63 -0.16
C VAL B 27 -5.46 -1.51 0.46
N ILE B 28 -6.48 -1.83 -0.27
CA ILE B 28 -7.82 -1.74 0.30
C ILE B 28 -8.06 -2.97 1.15
N GLU B 29 -7.51 -2.98 2.33
CA GLU B 29 -7.68 -4.18 3.22
C GLU B 29 -8.62 -3.87 4.37
N SER B 30 -9.86 -3.56 4.10
CA SER B 30 -10.81 -3.26 5.22
C SER B 30 -11.28 -4.59 5.82
N GLY B 31 -12.18 -4.56 6.76
CA GLY B 31 -12.67 -5.83 7.37
C GLY B 31 -13.31 -6.68 6.26
N PRO B 32 -14.25 -7.49 6.64
CA PRO B 32 -14.94 -8.35 5.74
C PRO B 32 -16.32 -7.79 5.37
N HIS B 33 -16.47 -7.33 4.17
CA HIS B 33 -17.79 -6.75 3.73
C HIS B 33 -17.83 -6.67 2.21
N CYS B 34 -17.39 -5.58 1.64
CA CYS B 34 -17.40 -5.44 0.16
C CYS B 34 -16.68 -4.15 -0.26
N ALA B 35 -16.62 -3.17 0.60
CA ALA B 35 -15.92 -1.92 0.24
C ALA B 35 -14.47 -2.21 -0.13
N ASN B 36 -13.61 -2.23 0.85
CA ASN B 36 -12.19 -2.48 0.59
C ASN B 36 -11.78 -3.84 1.14
N THR B 37 -10.98 -4.53 0.40
CA THR B 37 -10.51 -5.86 0.85
C THR B 37 -9.46 -6.42 -0.13
N GLU B 38 -9.13 -5.67 -1.14
CA GLU B 38 -8.13 -6.14 -2.14
C GLU B 38 -6.89 -5.22 -2.15
N ILE B 39 -6.14 -5.19 -3.22
CA ILE B 39 -4.95 -4.31 -3.25
C ILE B 39 -5.30 -3.03 -4.00
N ILE B 40 -4.47 -2.04 -3.96
CA ILE B 40 -4.75 -0.77 -4.67
C ILE B 40 -3.41 -0.05 -4.92
N VAL B 41 -3.39 0.97 -5.71
CA VAL B 41 -2.12 1.64 -6.03
C VAL B 41 -2.36 3.02 -6.62
N LYS B 42 -1.29 3.69 -6.82
CA LYS B 42 -1.32 5.02 -7.42
C LYS B 42 -0.20 5.09 -8.44
N LEU B 43 -0.36 4.37 -9.52
CA LEU B 43 0.67 4.35 -10.60
C LEU B 43 1.30 5.73 -10.71
N SER B 44 2.60 5.84 -10.50
CA SER B 44 3.36 7.14 -10.58
C SER B 44 2.45 8.33 -10.97
N ASP B 45 2.80 9.09 -11.97
CA ASP B 45 1.96 10.25 -12.33
C ASP B 45 1.12 9.90 -13.54
N GLY B 46 0.55 8.72 -13.55
CA GLY B 46 -0.24 8.32 -14.73
C GLY B 46 -1.52 7.57 -14.31
N ARG B 47 -1.40 6.51 -13.54
CA ARG B 47 -2.60 5.75 -13.20
C ARG B 47 -2.74 5.62 -11.68
N GLU B 48 -3.93 5.54 -11.17
CA GLU B 48 -4.08 5.44 -9.70
C GLU B 48 -5.48 4.93 -9.35
N LEU B 49 -5.61 3.67 -8.99
CA LEU B 49 -6.98 3.15 -8.70
C LEU B 49 -6.90 1.80 -7.97
N CYS B 50 -7.75 0.86 -8.32
CA CYS B 50 -7.72 -0.47 -7.63
C CYS B 50 -6.58 -1.33 -8.19
N LEU B 51 -6.19 -2.33 -7.44
CA LEU B 51 -5.07 -3.22 -7.87
C LEU B 51 -5.26 -4.63 -7.30
N ASP B 52 -4.97 -5.63 -8.08
CA ASP B 52 -5.11 -7.04 -7.62
C ASP B 52 -4.26 -7.94 -8.52
N PRO B 53 -2.97 -7.69 -8.52
CA PRO B 53 -2.01 -8.44 -9.34
C PRO B 53 -1.69 -9.80 -8.72
N ALA B 54 -0.61 -10.40 -9.14
CA ALA B 54 -0.24 -11.73 -8.59
C ALA B 54 -0.24 -11.68 -7.06
N SER B 55 -0.03 -10.52 -6.48
CA SER B 55 -0.03 -10.41 -5.00
C SER B 55 -1.15 -11.28 -4.42
N PRO B 56 -0.79 -12.44 -3.94
CA PRO B 56 -1.75 -13.40 -3.37
C PRO B 56 -2.17 -12.96 -1.95
N ILE B 57 -1.40 -12.11 -1.33
CA ILE B 57 -1.74 -11.64 0.02
C ILE B 57 -3.16 -11.23 0.13
N VAL B 58 -3.49 -10.32 -0.70
CA VAL B 58 -4.78 -9.75 -0.64
C VAL B 58 -5.77 -10.84 -1.02
N LYS B 59 -5.30 -11.79 -1.80
CA LYS B 59 -6.17 -12.91 -2.20
C LYS B 59 -6.40 -13.79 -0.98
N LYS B 60 -5.52 -13.73 -0.03
CA LYS B 60 -5.69 -14.54 1.20
C LYS B 60 -6.70 -13.85 2.11
N ILE B 61 -6.76 -12.55 2.04
CA ILE B 61 -7.71 -11.78 2.86
C ILE B 61 -9.13 -12.04 2.34
N ILE B 62 -9.26 -12.22 1.06
CA ILE B 62 -10.57 -12.47 0.46
C ILE B 62 -10.88 -13.94 0.61
N GLU B 63 -9.84 -14.71 0.58
CA GLU B 63 -9.93 -16.16 0.69
C GLU B 63 -10.44 -16.56 2.07
N LYS B 64 -10.15 -15.77 3.04
CA LYS B 64 -10.58 -16.11 4.42
C LYS B 64 -12.11 -16.15 4.50
N MET B 65 -12.78 -15.61 3.53
CA MET B 65 -14.27 -15.67 3.56
C MET B 65 -14.66 -17.14 3.40
N LEU B 66 -14.25 -17.73 2.31
CA LEU B 66 -14.53 -19.15 2.05
C LEU B 66 -13.99 -20.00 3.18
N ASN B 67 -12.73 -19.87 3.40
CA ASN B 67 -12.04 -20.65 4.46
C ASN B 67 -12.77 -20.50 5.80
N SER B 68 -13.35 -19.35 6.05
CA SER B 68 -14.07 -19.16 7.34
C SER B 68 -15.31 -20.00 7.33
N ASP B 69 -15.85 -20.15 6.19
CA ASP B 69 -17.09 -20.97 6.03
C ASP B 69 -16.70 -22.45 5.98
N LYS B 70 -15.44 -22.73 5.83
CA LYS B 70 -14.98 -24.13 5.77
C LYS B 70 -14.74 -24.64 7.19
N SER B 71 -15.65 -24.38 8.07
CA SER B 71 -15.48 -24.86 9.48
C SER B 71 -16.20 -26.20 9.64
N ASN B 72 -16.78 -26.70 8.58
CA ASN B 72 -17.50 -28.01 8.68
C ASN B 72 -17.87 -28.49 7.27
N SER A 1 14.37 21.78 18.60
CA SER A 1 15.65 21.31 19.19
C SER A 1 16.03 19.96 18.56
N ALA A 2 15.11 19.32 17.91
CA ALA A 2 15.42 18.00 17.27
C ALA A 2 15.65 18.20 15.77
N LYS A 3 16.20 17.22 15.11
CA LYS A 3 16.46 17.34 13.66
C LYS A 3 15.15 17.74 12.95
N GLU A 4 15.22 18.71 12.08
CA GLU A 4 14.01 19.16 11.35
C GLU A 4 13.25 17.93 10.80
N LEU A 5 11.96 18.05 10.68
CA LEU A 5 11.16 16.92 10.16
C LEU A 5 11.78 16.34 8.90
N ARG A 6 11.34 15.19 8.48
CA ARG A 6 11.90 14.55 7.27
C ARG A 6 11.25 15.16 6.01
N CYS A 7 11.44 14.54 4.88
CA CYS A 7 10.84 15.07 3.63
C CYS A 7 9.32 15.05 3.72
N GLN A 8 8.71 13.90 3.59
CA GLN A 8 7.23 13.82 3.66
C GLN A 8 6.80 13.37 5.05
N CYS A 9 7.09 12.15 5.43
CA CYS A 9 6.69 11.65 6.77
C CYS A 9 7.81 10.81 7.36
N ILE A 10 7.57 10.19 8.49
CA ILE A 10 8.61 9.36 9.12
C ILE A 10 8.02 8.00 9.48
N LYS A 11 7.20 7.96 10.49
CA LYS A 11 6.58 6.69 10.93
C LYS A 11 5.08 6.71 10.62
N THR A 12 4.34 5.80 11.21
CA THR A 12 2.86 5.79 10.99
C THR A 12 2.29 7.12 11.41
N TYR A 13 1.01 7.21 11.50
CA TYR A 13 0.40 8.49 11.87
C TYR A 13 0.97 8.98 13.22
N SER A 14 0.18 9.43 14.14
CA SER A 14 0.79 9.90 15.42
C SER A 14 0.91 8.76 16.43
N LYS A 15 0.44 7.58 16.10
CA LYS A 15 0.54 6.44 17.05
C LYS A 15 0.82 5.13 16.31
N PRO A 16 1.57 4.27 16.91
CA PRO A 16 1.85 2.97 16.34
C PRO A 16 0.79 1.98 16.76
N PHE A 17 0.63 1.02 15.92
CA PHE A 17 -0.43 0.04 16.17
C PHE A 17 -0.30 -1.10 15.17
N HIS A 18 -1.20 -2.04 15.19
CA HIS A 18 -1.13 -3.11 14.22
C HIS A 18 -1.70 -2.53 12.93
N PRO A 19 -0.87 -2.40 11.95
CA PRO A 19 -1.27 -1.81 10.68
C PRO A 19 -2.27 -2.73 9.97
N LYS A 20 -2.46 -3.91 10.50
CA LYS A 20 -3.41 -4.87 9.90
C LYS A 20 -4.80 -4.26 9.79
N PHE A 21 -5.19 -3.51 10.77
CA PHE A 21 -6.54 -2.88 10.76
C PHE A 21 -6.56 -1.63 9.88
N ILE A 22 -5.63 -1.49 8.98
CA ILE A 22 -5.63 -0.29 8.11
C ILE A 22 -6.64 -0.47 6.97
N LYS A 23 -7.49 0.49 6.78
CA LYS A 23 -8.49 0.38 5.68
C LYS A 23 -7.82 0.71 4.35
N GLU A 24 -6.90 1.64 4.35
CA GLU A 24 -6.22 1.97 3.06
C GLU A 24 -4.69 2.00 3.31
N LEU A 25 -3.95 1.12 2.70
CA LEU A 25 -2.47 1.13 2.90
C LEU A 25 -1.88 1.92 1.77
N ARG A 26 -1.47 3.13 2.00
CA ARG A 26 -0.93 3.90 0.91
C ARG A 26 0.58 3.88 0.99
N VAL A 27 1.23 3.80 -0.12
CA VAL A 27 2.72 3.74 -0.10
C VAL A 27 3.29 4.84 -0.99
N ILE A 28 3.95 5.81 -0.41
CA ILE A 28 4.52 6.87 -1.25
C ILE A 28 5.78 6.34 -1.91
N GLU A 29 5.63 5.63 -2.99
CA GLU A 29 6.81 5.05 -3.69
C GLU A 29 7.07 5.78 -5.01
N SER A 30 7.54 6.99 -4.96
CA SER A 30 7.80 7.75 -6.22
C SER A 30 9.14 7.32 -6.81
N GLY A 31 9.96 6.67 -6.03
CA GLY A 31 11.30 6.24 -6.55
C GLY A 31 12.36 6.63 -5.52
N PRO A 32 13.56 6.89 -5.99
CA PRO A 32 14.64 7.29 -5.16
C PRO A 32 14.88 8.80 -5.20
N HIS A 33 14.49 9.48 -4.18
CA HIS A 33 14.67 10.98 -4.16
C HIS A 33 14.52 11.49 -2.71
N CYS A 34 13.33 11.88 -2.33
CA CYS A 34 13.11 12.39 -0.95
C CYS A 34 11.62 12.73 -0.77
N ALA A 35 10.98 13.16 -1.82
CA ALA A 35 9.53 13.49 -1.71
C ALA A 35 8.77 12.25 -1.25
N ASN A 36 8.39 11.43 -2.17
CA ASN A 36 7.65 10.20 -1.83
C ASN A 36 8.55 9.00 -2.02
N THR A 37 8.62 8.16 -1.04
CA THR A 37 9.48 6.96 -1.15
C THR A 37 9.34 6.11 0.12
N GLU A 38 8.37 6.42 0.92
CA GLU A 38 8.18 5.68 2.20
C GLU A 38 6.85 4.92 2.19
N ILE A 39 6.45 4.38 3.32
CA ILE A 39 5.16 3.65 3.35
C ILE A 39 4.07 4.61 3.84
N ILE A 40 2.84 4.23 3.73
CA ILE A 40 1.74 5.11 4.20
C ILE A 40 0.50 4.23 4.46
N VAL A 41 -0.52 4.75 5.06
CA VAL A 41 -1.68 3.92 5.37
C VAL A 41 -2.87 4.78 5.72
N LYS A 42 -3.92 4.14 6.02
CA LYS A 42 -5.15 4.82 6.40
C LYS A 42 -5.76 4.02 7.53
N LEU A 43 -5.29 4.24 8.73
CA LEU A 43 -5.80 3.45 9.89
C LEU A 43 -7.33 3.34 9.85
N SER A 44 -7.86 2.15 9.94
CA SER A 44 -9.35 1.98 9.91
C SER A 44 -10.02 2.64 11.11
N ASP A 45 -9.26 3.14 12.05
CA ASP A 45 -9.90 3.80 13.22
C ASP A 45 -9.88 5.31 13.00
N GLY A 46 -9.58 5.73 11.81
CA GLY A 46 -9.53 7.18 11.53
C GLY A 46 -8.11 7.71 11.74
N ARG A 47 -7.11 6.86 11.75
CA ARG A 47 -5.75 7.34 11.94
C ARG A 47 -5.08 7.28 10.58
N GLU A 48 -5.73 7.74 9.59
CA GLU A 48 -5.08 7.64 8.28
C GLU A 48 -3.98 8.70 8.18
N LEU A 49 -2.79 8.26 7.89
CA LEU A 49 -1.64 9.21 7.80
C LEU A 49 -0.52 8.53 7.03
N CYS A 50 0.72 8.73 7.40
CA CYS A 50 1.83 8.09 6.66
C CYS A 50 2.22 6.76 7.35
N LEU A 51 3.26 6.12 6.89
CA LEU A 51 3.68 4.82 7.51
C LEU A 51 5.14 4.50 7.12
N ASP A 52 5.81 3.72 7.94
CA ASP A 52 7.22 3.37 7.62
C ASP A 52 7.61 2.05 8.33
N PRO A 53 7.62 2.06 9.65
CA PRO A 53 7.97 0.86 10.43
C PRO A 53 6.85 -0.18 10.34
N ALA A 54 6.84 -0.94 9.28
CA ALA A 54 5.79 -1.99 9.12
C ALA A 54 6.16 -2.86 7.91
N SER A 55 6.71 -2.25 6.88
CA SER A 55 7.10 -3.03 5.67
C SER A 55 8.56 -2.69 5.32
N PRO A 56 9.32 -3.70 5.00
CA PRO A 56 10.74 -3.53 4.64
C PRO A 56 10.88 -3.04 3.20
N ILE A 57 9.89 -3.26 2.38
CA ILE A 57 9.94 -2.82 0.99
C ILE A 57 10.43 -1.42 0.85
N VAL A 58 9.75 -0.56 1.49
CA VAL A 58 10.02 0.82 1.36
C VAL A 58 11.41 1.06 1.94
N LYS A 59 11.79 0.23 2.87
CA LYS A 59 13.13 0.35 3.49
C LYS A 59 14.18 -0.11 2.49
N LYS A 60 13.78 -0.91 1.54
CA LYS A 60 14.76 -1.39 0.52
C LYS A 60 14.97 -0.29 -0.51
N ILE A 61 13.95 0.49 -0.77
CA ILE A 61 14.06 1.58 -1.74
C ILE A 61 14.93 2.70 -1.16
N ILE A 62 14.85 2.89 0.12
CA ILE A 62 15.65 3.93 0.77
C ILE A 62 17.03 3.37 1.04
N GLU A 63 17.06 2.09 1.23
CA GLU A 63 18.31 1.37 1.49
C GLU A 63 19.25 1.48 0.29
N LYS A 64 18.71 1.49 -0.87
CA LYS A 64 19.56 1.59 -2.09
C LYS A 64 20.09 3.00 -2.24
N MET A 65 19.62 3.92 -1.45
CA MET A 65 20.15 5.31 -1.56
C MET A 65 21.58 5.28 -1.02
N LEU A 66 21.73 4.82 0.18
CA LEU A 66 23.07 4.72 0.80
C LEU A 66 23.96 3.82 -0.03
N ASN A 67 23.49 2.63 -0.23
CA ASN A 67 24.27 1.61 -1.00
C ASN A 67 24.75 2.22 -2.33
N SER A 68 23.85 2.73 -3.13
CA SER A 68 24.28 3.30 -4.44
C SER A 68 25.18 4.50 -4.20
N ASP A 69 25.09 5.03 -3.02
CA ASP A 69 25.91 6.20 -2.65
C ASP A 69 27.31 5.71 -2.28
N LYS A 70 27.42 4.48 -1.89
CA LYS A 70 28.73 3.91 -1.51
C LYS A 70 29.45 3.40 -2.76
N SER A 71 29.45 4.19 -3.79
CA SER A 71 30.15 3.78 -5.05
C SER A 71 31.31 4.73 -5.33
N ASN A 72 31.50 5.71 -4.47
CA ASN A 72 32.62 6.67 -4.69
C ASN A 72 33.51 6.71 -3.45
N SER B 1 -23.53 -8.06 -20.21
CA SER B 1 -23.54 -9.51 -20.57
C SER B 1 -22.53 -10.25 -19.69
N ALA B 2 -21.65 -9.54 -19.04
CA ALA B 2 -20.65 -10.21 -18.17
C ALA B 2 -21.08 -10.08 -16.71
N LYS B 3 -20.47 -10.84 -15.84
CA LYS B 3 -20.84 -10.78 -14.41
C LYS B 3 -20.77 -9.33 -13.92
N GLU B 4 -21.77 -8.88 -13.22
CA GLU B 4 -21.78 -7.49 -12.71
C GLU B 4 -20.42 -7.16 -12.07
N LEU B 5 -20.03 -5.92 -12.11
CA LEU B 5 -18.74 -5.53 -11.51
C LEU B 5 -18.59 -6.10 -10.11
N ARG B 6 -17.40 -6.05 -9.55
CA ARG B 6 -17.19 -6.60 -8.19
C ARG B 6 -17.61 -5.57 -7.14
N CYS B 7 -17.24 -5.78 -5.91
CA CYS B 7 -17.63 -4.82 -4.84
C CYS B 7 -16.99 -3.45 -5.11
N GLN B 8 -15.72 -3.31 -4.85
CA GLN B 8 -15.06 -2.00 -5.09
C GLN B 8 -14.32 -2.02 -6.43
N CYS B 9 -13.29 -2.81 -6.54
CA CYS B 9 -12.53 -2.85 -7.82
C CYS B 9 -12.14 -4.29 -8.14
N ILE B 10 -11.37 -4.50 -9.17
CA ILE B 10 -10.94 -5.87 -9.53
C ILE B 10 -9.43 -5.91 -9.73
N LYS B 11 -8.96 -5.34 -10.79
CA LYS B 11 -7.51 -5.33 -11.09
C LYS B 11 -6.96 -3.90 -10.97
N THR B 12 -5.78 -3.67 -11.48
CA THR B 12 -5.20 -2.29 -11.43
C THR B 12 -6.15 -1.35 -12.13
N TYR B 13 -5.72 -0.16 -12.38
CA TYR B 13 -6.60 0.82 -13.02
C TYR B 13 -7.13 0.26 -14.36
N SER B 14 -7.13 0.99 -15.43
CA SER B 14 -7.67 0.39 -16.69
C SER B 14 -6.55 -0.32 -17.47
N LYS B 15 -5.33 -0.27 -17.00
CA LYS B 15 -4.24 -0.96 -17.74
C LYS B 15 -3.23 -1.57 -16.77
N PRO B 16 -2.67 -2.68 -17.12
CA PRO B 16 -1.66 -3.33 -16.33
C PRO B 16 -0.29 -2.82 -16.68
N PHE B 17 0.56 -2.88 -15.74
CA PHE B 17 1.90 -2.32 -15.93
C PHE B 17 2.77 -2.71 -14.76
N HIS B 18 3.99 -2.24 -14.71
CA HIS B 18 4.84 -2.54 -13.57
C HIS B 18 4.40 -1.59 -12.48
N PRO B 19 3.84 -2.13 -11.44
CA PRO B 19 3.33 -1.32 -10.34
C PRO B 19 4.49 -0.64 -9.61
N LYS B 20 5.69 -1.00 -9.95
CA LYS B 20 6.88 -0.40 -9.32
C LYS B 20 6.85 1.12 -9.47
N PHE B 21 6.44 1.59 -10.61
CA PHE B 21 6.40 3.06 -10.84
C PHE B 21 5.16 3.69 -10.19
N ILE B 22 4.57 3.05 -9.22
CA ILE B 22 3.39 3.65 -8.57
C ILE B 22 3.83 4.69 -7.55
N LYS B 23 3.27 5.87 -7.61
CA LYS B 23 3.65 6.92 -6.63
C LYS B 23 2.93 6.66 -5.31
N GLU B 24 1.72 6.18 -5.35
CA GLU B 24 1.02 5.89 -4.07
C GLU B 24 0.42 4.47 -4.15
N LEU B 25 0.85 3.58 -3.32
CA LEU B 25 0.28 2.20 -3.35
C LEU B 25 -0.79 2.14 -2.30
N ARG B 26 -2.03 2.19 -2.68
CA ARG B 26 -3.08 2.17 -1.67
C ARG B 26 -3.64 0.77 -1.58
N VAL B 27 -3.94 0.34 -0.40
CA VAL B 27 -4.48 -1.04 -0.23
C VAL B 27 -5.81 -1.00 0.51
N ILE B 28 -6.89 -1.34 -0.14
CA ILE B 28 -8.17 -1.31 0.57
C ILE B 28 -8.26 -2.55 1.45
N GLU B 29 -7.66 -2.50 2.61
CA GLU B 29 -7.68 -3.68 3.52
C GLU B 29 -8.59 -3.41 4.73
N SER B 30 -9.88 -3.39 4.53
CA SER B 30 -10.80 -3.12 5.67
C SER B 30 -11.01 -4.41 6.48
N GLY B 31 -10.67 -5.53 5.92
CA GLY B 31 -10.85 -6.83 6.64
C GLY B 31 -11.52 -7.83 5.69
N PRO B 32 -12.28 -8.73 6.25
CA PRO B 32 -12.98 -9.72 5.50
C PRO B 32 -14.46 -9.35 5.30
N HIS B 33 -14.82 -8.92 4.15
CA HIS B 33 -16.25 -8.53 3.90
C HIS B 33 -16.51 -8.43 2.39
N CYS B 34 -16.35 -7.27 1.81
CA CYS B 34 -16.57 -7.11 0.35
C CYS B 34 -16.27 -5.67 -0.05
N ALA B 35 -16.52 -4.73 0.83
CA ALA B 35 -16.24 -3.31 0.50
C ALA B 35 -14.77 -3.16 0.16
N ASN B 36 -13.96 -2.97 1.16
CA ASN B 36 -12.51 -2.82 0.94
C ASN B 36 -11.79 -4.06 1.43
N THR B 37 -10.95 -4.60 0.62
CA THR B 37 -10.21 -5.82 1.02
C THR B 37 -9.24 -6.23 -0.10
N GLU B 38 -9.05 -5.37 -1.04
CA GLU B 38 -8.15 -5.69 -2.19
C GLU B 38 -6.94 -4.75 -2.22
N ILE B 39 -6.17 -4.79 -3.27
CA ILE B 39 -5.00 -3.88 -3.33
C ILE B 39 -5.39 -2.63 -4.09
N ILE B 40 -4.57 -1.63 -4.06
CA ILE B 40 -4.87 -0.38 -4.79
C ILE B 40 -3.56 0.38 -5.04
N VAL B 41 -3.57 1.41 -5.83
CA VAL B 41 -2.31 2.09 -6.14
C VAL B 41 -2.59 3.45 -6.75
N LYS B 42 -1.55 4.11 -7.07
CA LYS B 42 -1.66 5.43 -7.70
C LYS B 42 -0.55 5.48 -8.73
N LEU B 43 -0.81 4.93 -9.89
CA LEU B 43 0.23 4.92 -10.96
C LEU B 43 0.93 6.26 -11.07
N SER B 44 2.25 6.29 -11.03
CA SER B 44 2.99 7.59 -11.13
C SER B 44 2.78 8.25 -12.50
N ASP B 45 2.12 7.59 -13.40
CA ASP B 45 1.89 8.21 -14.75
C ASP B 45 0.49 8.80 -14.78
N GLY B 46 -0.14 8.88 -13.64
CA GLY B 46 -1.52 9.44 -13.60
C GLY B 46 -2.53 8.30 -13.74
N ARG B 47 -2.16 7.07 -13.48
CA ARG B 47 -3.11 5.98 -13.60
C ARG B 47 -3.47 5.57 -12.18
N GLU B 48 -3.74 6.51 -11.36
CA GLU B 48 -4.05 6.10 -9.99
C GLU B 48 -5.45 5.51 -9.93
N LEU B 49 -5.56 4.31 -9.45
CA LEU B 49 -6.88 3.65 -9.39
C LEU B 49 -6.79 2.49 -8.38
N CYS B 50 -7.44 1.38 -8.65
CA CYS B 50 -7.35 0.24 -7.68
C CYS B 50 -6.23 -0.72 -8.10
N LEU B 51 -6.11 -1.84 -7.42
CA LEU B 51 -5.02 -2.81 -7.76
C LEU B 51 -5.35 -4.19 -7.17
N ASP B 52 -4.82 -5.23 -7.76
CA ASP B 52 -5.09 -6.60 -7.23
C ASP B 52 -3.97 -7.57 -7.66
N PRO B 53 -3.84 -7.80 -8.95
CA PRO B 53 -2.80 -8.70 -9.48
C PRO B 53 -1.41 -8.05 -9.35
N ALA B 54 -0.83 -8.16 -8.19
CA ALA B 54 0.52 -7.56 -7.96
C ALA B 54 1.04 -8.02 -6.60
N SER B 55 0.16 -8.12 -5.63
CA SER B 55 0.58 -8.56 -4.28
C SER B 55 -0.34 -9.70 -3.82
N PRO B 56 0.24 -10.73 -3.25
CA PRO B 56 -0.51 -11.90 -2.77
C PRO B 56 -1.18 -11.60 -1.42
N ILE B 57 -0.67 -10.63 -0.70
CA ILE B 57 -1.24 -10.26 0.61
C ILE B 57 -2.72 -10.16 0.57
N VAL B 58 -3.16 -9.33 -0.28
CA VAL B 58 -4.55 -9.05 -0.36
C VAL B 58 -5.26 -10.32 -0.81
N LYS B 59 -4.55 -11.14 -1.54
CA LYS B 59 -5.13 -12.40 -2.01
C LYS B 59 -5.23 -13.37 -0.83
N LYS B 60 -4.44 -13.15 0.19
CA LYS B 60 -4.50 -14.05 1.37
C LYS B 60 -5.70 -13.65 2.23
N ILE B 61 -6.04 -12.39 2.23
CA ILE B 61 -7.18 -11.92 3.03
C ILE B 61 -8.48 -12.39 2.36
N ILE B 62 -8.49 -12.46 1.06
CA ILE B 62 -9.67 -12.90 0.34
C ILE B 62 -9.68 -14.42 0.34
N GLU B 63 -8.51 -14.96 0.38
CA GLU B 63 -8.32 -16.41 0.37
C GLU B 63 -8.93 -17.03 1.63
N LYS B 64 -8.85 -16.33 2.71
CA LYS B 64 -9.40 -16.86 3.99
C LYS B 64 -10.93 -16.78 3.96
N MET B 65 -11.48 -16.14 2.99
CA MET B 65 -12.97 -16.09 2.92
C MET B 65 -13.46 -17.49 2.57
N LEU B 66 -12.96 -18.01 1.48
CA LEU B 66 -13.33 -19.37 1.04
C LEU B 66 -12.96 -20.38 2.11
N ASN B 67 -11.71 -20.38 2.43
CA ASN B 67 -11.18 -21.32 3.45
C ASN B 67 -12.05 -21.31 4.72
N SER B 68 -12.26 -20.17 5.30
CA SER B 68 -13.08 -20.12 6.54
C SER B 68 -14.51 -20.53 6.20
N ASP B 69 -14.82 -20.45 4.96
CA ASP B 69 -16.19 -20.82 4.50
C ASP B 69 -16.25 -22.33 4.38
N LYS B 70 -15.13 -22.96 4.22
CA LYS B 70 -15.09 -24.43 4.08
C LYS B 70 -15.05 -25.07 5.47
N SER B 71 -15.88 -24.61 6.35
CA SER B 71 -15.91 -25.19 7.73
C SER B 71 -17.28 -25.83 7.98
N ASN B 72 -18.15 -25.79 7.01
CA ASN B 72 -19.49 -26.41 7.19
C ASN B 72 -19.74 -27.41 6.06
N SER A 1 12.47 29.75 10.52
CA SER A 1 13.34 29.05 9.54
C SER A 1 14.06 27.88 10.22
N ALA A 2 13.53 26.70 10.08
CA ALA A 2 14.18 25.51 10.72
C ALA A 2 15.27 24.96 9.80
N LYS A 3 15.98 23.96 10.23
CA LYS A 3 17.05 23.38 9.39
C LYS A 3 16.51 23.08 8.00
N GLU A 4 17.39 22.73 7.09
CA GLU A 4 16.94 22.42 5.71
C GLU A 4 15.73 21.49 5.74
N LEU A 5 14.69 21.83 5.03
CA LEU A 5 13.49 20.98 5.01
C LEU A 5 13.85 19.54 4.70
N ARG A 6 13.56 18.64 5.60
CA ARG A 6 13.89 17.21 5.37
C ARG A 6 12.82 16.57 4.47
N CYS A 7 12.80 15.27 4.38
CA CYS A 7 11.78 14.61 3.52
C CYS A 7 10.38 14.99 3.99
N GLN A 8 9.39 14.24 3.61
CA GLN A 8 8.00 14.57 4.01
C GLN A 8 7.69 14.04 5.41
N CYS A 9 7.52 12.75 5.55
CA CYS A 9 7.19 12.18 6.88
C CYS A 9 8.18 11.07 7.25
N ILE A 10 8.59 11.01 8.49
CA ILE A 10 9.54 9.94 8.92
C ILE A 10 8.91 9.11 10.04
N LYS A 11 7.93 9.65 10.70
CA LYS A 11 7.26 8.90 11.79
C LYS A 11 6.03 8.18 11.25
N THR A 12 5.21 7.66 12.12
CA THR A 12 3.97 6.94 11.66
C THR A 12 3.03 7.94 11.03
N TYR A 13 1.90 7.46 10.63
CA TYR A 13 0.91 8.34 10.01
C TYR A 13 0.75 9.58 10.88
N SER A 14 0.69 9.35 12.14
CA SER A 14 0.53 10.45 13.12
C SER A 14 0.65 9.81 14.50
N LYS A 15 0.11 8.64 14.61
CA LYS A 15 0.11 7.91 15.88
C LYS A 15 0.42 6.43 15.61
N PRO A 16 0.83 5.73 16.63
CA PRO A 16 1.09 4.32 16.54
C PRO A 16 -0.13 3.53 16.87
N PHE A 17 -0.18 2.42 16.26
CA PHE A 17 -1.33 1.55 16.42
C PHE A 17 -1.04 0.22 15.75
N HIS A 18 -1.80 -0.80 16.02
CA HIS A 18 -1.54 -2.05 15.33
C HIS A 18 -2.06 -1.86 13.92
N PRO A 19 -1.21 -2.02 12.96
CA PRO A 19 -1.58 -1.80 11.57
C PRO A 19 -2.56 -2.89 11.13
N LYS A 20 -2.80 -3.85 11.98
CA LYS A 20 -3.74 -4.95 11.64
C LYS A 20 -5.10 -4.38 11.21
N PHE A 21 -5.58 -3.41 11.93
CA PHE A 21 -6.91 -2.82 11.61
C PHE A 21 -6.80 -1.79 10.48
N ILE A 22 -5.80 -1.86 9.65
CA ILE A 22 -5.70 -0.87 8.56
C ILE A 22 -6.66 -1.23 7.42
N LYS A 23 -7.22 -0.24 6.77
CA LYS A 23 -8.16 -0.52 5.64
C LYS A 23 -7.46 -0.22 4.33
N GLU A 24 -6.65 0.80 4.28
CA GLU A 24 -5.93 1.08 3.01
C GLU A 24 -4.42 1.15 3.31
N LEU A 25 -3.64 0.33 2.68
CA LEU A 25 -2.17 0.34 2.94
C LEU A 25 -1.53 1.16 1.85
N ARG A 26 -1.12 2.36 2.13
CA ARG A 26 -0.53 3.17 1.10
C ARG A 26 0.97 3.12 1.21
N VAL A 27 1.65 3.08 0.12
CA VAL A 27 3.14 3.02 0.19
C VAL A 27 3.77 4.09 -0.70
N ILE A 28 4.37 5.09 -0.13
CA ILE A 28 5.00 6.13 -0.97
C ILE A 28 6.32 5.57 -1.50
N GLU A 29 6.26 4.83 -2.58
CA GLU A 29 7.49 4.22 -3.14
C GLU A 29 7.83 4.84 -4.50
N SER A 30 8.29 6.05 -4.53
CA SER A 30 8.64 6.69 -5.83
C SER A 30 10.02 6.20 -6.27
N GLY A 31 10.90 5.95 -5.34
CA GLY A 31 12.27 5.48 -5.68
C GLY A 31 13.22 5.84 -4.53
N PRO A 32 14.47 5.94 -4.81
CA PRO A 32 15.45 6.28 -3.83
C PRO A 32 15.84 7.75 -3.90
N HIS A 33 15.37 8.54 -2.98
CA HIS A 33 15.70 10.00 -2.99
C HIS A 33 15.38 10.61 -1.62
N CYS A 34 14.18 11.10 -1.45
CA CYS A 34 13.80 11.71 -0.14
C CYS A 34 12.30 12.06 -0.15
N ALA A 35 11.76 12.38 -1.30
CA ALA A 35 10.31 12.72 -1.37
C ALA A 35 9.48 11.53 -0.91
N ASN A 36 9.13 10.68 -1.82
CA ASN A 36 8.32 9.49 -1.49
C ASN A 36 9.16 8.23 -1.58
N THR A 37 9.12 7.44 -0.56
CA THR A 37 9.93 6.19 -0.58
C THR A 37 9.71 5.40 0.71
N GLU A 38 8.74 5.79 1.48
CA GLU A 38 8.49 5.10 2.79
C GLU A 38 7.13 4.38 2.78
N ILE A 39 6.70 3.88 3.90
CA ILE A 39 5.38 3.19 3.93
C ILE A 39 4.29 4.21 4.24
N ILE A 40 3.07 3.84 3.99
CA ILE A 40 1.91 4.74 4.27
C ILE A 40 0.72 3.81 4.61
N VAL A 41 -0.34 4.35 5.11
CA VAL A 41 -1.48 3.50 5.49
C VAL A 41 -2.73 4.32 5.64
N LYS A 42 -3.78 3.63 5.86
CA LYS A 42 -5.09 4.26 6.07
C LYS A 42 -5.78 3.53 7.19
N LEU A 43 -5.25 3.70 8.37
CA LEU A 43 -5.80 3.06 9.59
C LEU A 43 -7.33 2.99 9.45
N SER A 44 -7.90 1.80 9.54
CA SER A 44 -9.40 1.60 9.43
C SER A 44 -10.16 2.92 9.21
N ASP A 45 -11.19 3.17 9.97
CA ASP A 45 -11.97 4.41 9.76
C ASP A 45 -11.55 5.42 10.82
N GLY A 46 -10.28 5.55 11.07
CA GLY A 46 -9.85 6.49 12.13
C GLY A 46 -8.56 7.23 11.75
N ARG A 47 -7.51 6.53 11.37
CA ARG A 47 -6.26 7.23 11.08
C ARG A 47 -5.79 6.90 9.65
N GLU A 48 -5.13 7.81 9.00
CA GLU A 48 -4.70 7.54 7.61
C GLU A 48 -3.61 8.53 7.21
N LEU A 49 -2.38 8.09 7.16
CA LEU A 49 -1.28 9.04 6.81
C LEU A 49 -0.01 8.26 6.44
N CYS A 50 1.16 8.78 6.77
CA CYS A 50 2.43 8.07 6.43
C CYS A 50 2.72 6.95 7.43
N LEU A 51 3.79 6.23 7.22
CA LEU A 51 4.16 5.10 8.13
C LEU A 51 5.63 4.73 7.90
N ASP A 52 6.44 4.75 8.93
CA ASP A 52 7.88 4.40 8.75
C ASP A 52 8.07 2.88 8.87
N PRO A 53 7.52 2.28 9.90
CA PRO A 53 7.64 0.84 10.14
C PRO A 53 6.66 0.06 9.25
N ALA A 54 6.35 -1.16 9.61
CA ALA A 54 5.40 -1.96 8.80
C ALA A 54 6.04 -2.28 7.44
N SER A 55 6.03 -3.54 7.07
CA SER A 55 6.64 -3.92 5.76
C SER A 55 8.17 -3.79 5.84
N PRO A 56 8.85 -4.90 5.75
CA PRO A 56 10.33 -4.93 5.81
C PRO A 56 10.92 -4.50 4.47
N ILE A 57 10.11 -4.01 3.57
CA ILE A 57 10.60 -3.59 2.25
C ILE A 57 11.05 -2.18 2.30
N VAL A 58 10.14 -1.40 2.76
CA VAL A 58 10.34 0.00 2.79
C VAL A 58 11.51 0.30 3.72
N LYS A 59 11.73 -0.56 4.66
CA LYS A 59 12.86 -0.37 5.59
C LYS A 59 14.15 -0.63 4.83
N LYS A 60 14.08 -1.46 3.84
CA LYS A 60 15.30 -1.76 3.04
C LYS A 60 15.56 -0.64 2.02
N ILE A 61 14.53 0.04 1.62
CA ILE A 61 14.69 1.14 0.64
C ILE A 61 15.32 2.34 1.35
N ILE A 62 14.99 2.54 2.60
CA ILE A 62 15.55 3.65 3.36
C ILE A 62 16.90 3.22 3.88
N GLU A 63 17.01 1.95 4.12
CA GLU A 63 18.24 1.35 4.63
C GLU A 63 19.38 1.52 3.64
N LYS A 64 19.07 1.47 2.38
CA LYS A 64 20.12 1.62 1.34
C LYS A 64 20.67 3.05 1.37
N MET A 65 20.00 3.94 2.02
CA MET A 65 20.53 5.34 2.09
C MET A 65 21.78 5.30 2.95
N LEU A 66 21.65 4.76 4.13
CA LEU A 66 22.79 4.64 5.06
C LEU A 66 23.89 3.79 4.44
N ASN A 67 23.52 2.59 4.10
CA ASN A 67 24.48 1.63 3.51
C ASN A 67 25.24 2.27 2.35
N SER A 68 24.55 2.81 1.39
CA SER A 68 25.25 3.44 0.25
C SER A 68 26.00 4.67 0.73
N ASP A 69 25.59 5.15 1.85
CA ASP A 69 26.23 6.35 2.45
C ASP A 69 27.51 5.91 3.14
N LYS A 70 27.60 4.65 3.46
CA LYS A 70 28.80 4.12 4.14
C LYS A 70 29.78 3.65 3.08
N SER A 71 30.12 4.51 2.15
CA SER A 71 31.06 4.16 1.04
C SER A 71 32.02 3.05 1.46
N ASN A 72 31.61 1.82 1.31
CA ASN A 72 32.50 0.69 1.70
C ASN A 72 33.59 0.51 0.65
N SER B 1 -30.85 -1.97 -13.99
CA SER B 1 -30.68 -2.87 -12.81
C SER B 1 -29.82 -4.07 -13.21
N ALA B 2 -28.54 -4.01 -12.93
CA ALA B 2 -27.65 -5.15 -13.29
C ALA B 2 -27.70 -6.20 -12.17
N LYS B 3 -27.00 -7.29 -12.35
CA LYS B 3 -27.00 -8.35 -11.31
C LYS B 3 -26.67 -7.74 -9.96
N GLU B 4 -26.80 -8.51 -8.91
CA GLU B 4 -26.50 -7.99 -7.54
C GLU B 4 -25.17 -7.25 -7.56
N LEU B 5 -25.15 -6.05 -7.02
CA LEU B 5 -23.91 -5.26 -6.99
C LEU B 5 -22.77 -6.09 -6.40
N ARG B 6 -21.72 -6.31 -7.17
CA ARG B 6 -20.58 -7.10 -6.66
C ARG B 6 -19.69 -6.22 -5.78
N CYS B 7 -18.50 -6.68 -5.47
CA CYS B 7 -17.59 -5.86 -4.62
C CYS B 7 -17.33 -4.51 -5.30
N GLN B 8 -16.29 -3.83 -4.91
CA GLN B 8 -16.01 -2.50 -5.52
C GLN B 8 -15.24 -2.65 -6.83
N CYS B 9 -13.99 -3.00 -6.76
CA CYS B 9 -13.18 -3.14 -8.01
C CYS B 9 -12.52 -4.52 -8.07
N ILE B 10 -12.47 -5.12 -9.23
CA ILE B 10 -11.84 -6.46 -9.36
C ILE B 10 -10.70 -6.38 -10.38
N LYS B 11 -10.73 -5.39 -11.22
CA LYS B 11 -9.66 -5.24 -12.25
C LYS B 11 -8.57 -4.30 -11.73
N THR B 12 -7.67 -3.90 -12.57
CA THR B 12 -6.59 -2.95 -12.13
C THR B 12 -7.19 -1.62 -11.80
N TYR B 13 -6.36 -0.70 -11.44
CA TYR B 13 -6.84 0.64 -11.08
C TYR B 13 -7.81 1.10 -12.16
N SER B 14 -7.42 0.87 -13.37
CA SER B 14 -8.25 1.25 -14.53
C SER B 14 -7.57 0.68 -15.76
N LYS B 15 -6.27 0.72 -15.73
CA LYS B 15 -5.46 0.24 -16.85
C LYS B 15 -4.27 -0.56 -16.30
N PRO B 16 -3.67 -1.36 -17.13
CA PRO B 16 -2.50 -2.12 -16.78
C PRO B 16 -1.26 -1.36 -17.10
N PHE B 17 -0.28 -1.63 -16.32
CA PHE B 17 0.98 -0.92 -16.46
C PHE B 17 1.99 -1.59 -15.54
N HIS B 18 3.26 -1.31 -15.70
CA HIS B 18 4.21 -1.91 -14.79
C HIS B 18 4.08 -1.13 -13.50
N PRO B 19 3.78 -1.80 -12.44
CA PRO B 19 3.57 -1.15 -11.16
C PRO B 19 4.90 -0.60 -10.64
N LYS B 20 5.97 -0.87 -11.33
CA LYS B 20 7.30 -0.37 -10.92
C LYS B 20 7.26 1.14 -10.74
N PHE B 21 6.66 1.84 -11.67
CA PHE B 21 6.61 3.32 -11.60
C PHE B 21 5.49 3.80 -10.66
N ILE B 22 5.07 2.99 -9.72
CA ILE B 22 4.00 3.46 -8.81
C ILE B 22 4.58 4.38 -7.74
N LYS B 23 3.83 5.37 -7.32
CA LYS B 23 4.32 6.31 -6.29
C LYS B 23 3.61 6.00 -4.96
N GLU B 24 2.36 5.65 -5.01
CA GLU B 24 1.68 5.31 -3.72
C GLU B 24 1.05 3.92 -3.87
N LEU B 25 1.42 2.99 -3.04
CA LEU B 25 0.85 1.62 -3.14
C LEU B 25 -0.28 1.52 -2.13
N ARG B 26 -1.49 1.54 -2.57
CA ARG B 26 -2.59 1.49 -1.64
C ARG B 26 -3.12 0.08 -1.58
N VAL B 27 -3.48 -0.38 -0.43
CA VAL B 27 -4.00 -1.77 -0.32
C VAL B 27 -5.33 -1.80 0.43
N ILE B 28 -6.42 -2.06 -0.23
CA ILE B 28 -7.70 -2.11 0.49
C ILE B 28 -7.78 -3.42 1.24
N GLU B 29 -7.19 -3.47 2.41
CA GLU B 29 -7.20 -4.74 3.20
C GLU B 29 -8.05 -4.59 4.46
N SER B 30 -9.34 -4.55 4.33
CA SER B 30 -10.22 -4.41 5.54
C SER B 30 -10.37 -5.78 6.21
N GLY B 31 -10.38 -6.82 5.43
CA GLY B 31 -10.53 -8.20 6.00
C GLY B 31 -11.10 -9.11 4.90
N PRO B 32 -11.72 -10.18 5.30
CA PRO B 32 -12.30 -11.11 4.38
C PRO B 32 -13.82 -10.90 4.25
N HIS B 33 -14.23 -10.32 3.16
CA HIS B 33 -15.71 -10.08 2.95
C HIS B 33 -15.97 -9.78 1.48
N CYS B 34 -15.93 -8.53 1.09
CA CYS B 34 -16.18 -8.18 -0.33
C CYS B 34 -15.90 -6.68 -0.54
N ALA B 35 -16.11 -5.87 0.47
CA ALA B 35 -15.86 -4.41 0.31
C ALA B 35 -14.39 -4.17 -0.01
N ASN B 36 -13.59 -4.02 0.99
CA ASN B 36 -12.15 -3.78 0.77
C ASN B 36 -11.33 -5.01 1.17
N THR B 37 -10.48 -5.44 0.31
CA THR B 37 -9.67 -6.64 0.63
C THR B 37 -8.71 -6.95 -0.53
N GLU B 38 -8.60 -6.05 -1.45
CA GLU B 38 -7.72 -6.30 -2.65
C GLU B 38 -6.52 -5.32 -2.66
N ILE B 39 -5.77 -5.30 -3.72
CA ILE B 39 -4.62 -4.37 -3.78
C ILE B 39 -5.08 -3.04 -4.37
N ILE B 40 -4.29 -2.02 -4.19
CA ILE B 40 -4.61 -0.68 -4.75
C ILE B 40 -3.27 0.01 -5.05
N VAL B 41 -3.27 1.09 -5.74
CA VAL B 41 -2.00 1.75 -6.09
C VAL B 41 -2.24 3.18 -6.51
N LYS B 42 -1.17 3.83 -6.72
CA LYS B 42 -1.20 5.23 -7.17
C LYS B 42 -0.13 5.40 -8.23
N LEU B 43 -0.37 4.78 -9.36
CA LEU B 43 0.58 4.85 -10.51
C LEU B 43 1.22 6.24 -10.51
N SER B 44 2.55 6.31 -10.47
CA SER B 44 3.31 7.61 -10.48
C SER B 44 2.39 8.84 -10.57
N ASP B 45 2.66 9.74 -11.47
CA ASP B 45 1.80 10.95 -11.57
C ASP B 45 0.85 10.77 -12.73
N GLY B 46 0.25 9.62 -12.86
CA GLY B 46 -0.65 9.41 -14.01
C GLY B 46 -1.88 8.56 -13.64
N ARG B 47 -1.70 7.41 -13.01
CA ARG B 47 -2.87 6.58 -12.73
C ARG B 47 -2.92 6.27 -11.22
N GLU B 48 -4.08 6.12 -10.66
CA GLU B 48 -4.17 5.85 -9.20
C GLU B 48 -5.55 5.29 -8.87
N LEU B 49 -5.64 4.01 -8.61
CA LEU B 49 -6.98 3.43 -8.31
C LEU B 49 -6.82 2.03 -7.68
N CYS B 50 -7.71 1.12 -7.96
CA CYS B 50 -7.61 -0.25 -7.37
C CYS B 50 -6.59 -1.11 -8.13
N LEU B 51 -6.38 -2.32 -7.69
CA LEU B 51 -5.39 -3.24 -8.35
C LEU B 51 -5.65 -4.68 -7.90
N ASP B 52 -5.87 -5.58 -8.82
CA ASP B 52 -6.15 -6.98 -8.43
C ASP B 52 -4.82 -7.76 -8.27
N PRO B 53 -3.95 -7.64 -9.24
CA PRO B 53 -2.64 -8.34 -9.21
C PRO B 53 -1.65 -7.58 -8.32
N ALA B 54 -0.39 -7.82 -8.49
CA ALA B 54 0.63 -7.12 -7.66
C ALA B 54 0.53 -7.60 -6.21
N SER B 55 1.62 -8.00 -5.63
CA SER B 55 1.58 -8.49 -4.22
C SER B 55 0.86 -9.84 -4.16
N PRO B 56 1.60 -10.86 -3.81
CA PRO B 56 1.04 -12.22 -3.70
C PRO B 56 0.26 -12.39 -2.39
N ILE B 57 0.04 -11.32 -1.68
CA ILE B 57 -0.69 -11.38 -0.40
C ILE B 57 -2.15 -11.28 -0.65
N VAL B 58 -2.46 -10.24 -1.32
CA VAL B 58 -3.81 -9.89 -1.58
C VAL B 58 -4.43 -11.00 -2.42
N LYS B 59 -3.62 -11.68 -3.16
CA LYS B 59 -4.14 -12.79 -3.99
C LYS B 59 -4.49 -13.94 -3.06
N LYS B 60 -3.83 -14.03 -1.94
CA LYS B 60 -4.12 -15.12 -0.98
C LYS B 60 -5.37 -14.77 -0.16
N ILE B 61 -5.62 -13.51 0.01
CA ILE B 61 -6.80 -13.08 0.79
C ILE B 61 -8.06 -13.33 -0.04
N ILE B 62 -7.97 -13.16 -1.32
CA ILE B 62 -9.12 -13.37 -2.19
C ILE B 62 -9.20 -14.85 -2.48
N GLU B 63 -8.06 -15.46 -2.49
CA GLU B 63 -7.94 -16.90 -2.76
C GLU B 63 -8.66 -17.71 -1.69
N LYS B 64 -8.64 -17.23 -0.49
CA LYS B 64 -9.30 -17.97 0.62
C LYS B 64 -10.83 -17.93 0.42
N MET B 65 -11.31 -17.11 -0.46
CA MET B 65 -12.78 -17.08 -0.70
C MET B 65 -13.14 -18.37 -1.41
N LEU B 66 -12.45 -18.66 -2.48
CA LEU B 66 -12.69 -19.89 -3.25
C LEU B 66 -12.41 -21.10 -2.38
N ASN B 67 -11.23 -21.17 -1.88
CA ASN B 67 -10.79 -22.30 -1.04
C ASN B 67 -11.82 -22.57 0.07
N SER B 68 -12.15 -21.57 0.85
CA SER B 68 -13.13 -21.79 1.94
C SER B 68 -14.48 -22.08 1.33
N ASP B 69 -14.63 -21.71 0.12
CA ASP B 69 -15.90 -21.95 -0.61
C ASP B 69 -15.93 -23.41 -1.08
N LYS B 70 -14.78 -24.01 -1.18
CA LYS B 70 -14.70 -25.41 -1.61
C LYS B 70 -14.78 -26.31 -0.39
N SER B 71 -15.81 -26.13 0.41
CA SER B 71 -15.99 -26.94 1.66
C SER B 71 -15.30 -28.30 1.54
N ASN B 72 -14.04 -28.37 1.86
CA ASN B 72 -13.31 -29.66 1.76
C ASN B 72 -13.72 -30.56 2.94
N SER A 1 5.00 21.30 12.29
CA SER A 1 5.41 20.79 10.95
C SER A 1 6.28 19.54 11.12
N ALA A 2 6.03 18.52 10.35
CA ALA A 2 6.85 17.27 10.48
C ALA A 2 8.33 17.64 10.59
N LYS A 3 9.15 16.71 10.99
CA LYS A 3 10.60 16.99 11.11
C LYS A 3 11.10 17.70 9.85
N GLU A 4 11.11 19.00 9.87
CA GLU A 4 11.59 19.76 8.69
C GLU A 4 12.97 19.27 8.26
N LEU A 5 13.75 18.78 9.18
CA LEU A 5 15.10 18.28 8.86
C LEU A 5 15.08 17.41 7.60
N ARG A 6 14.54 16.22 7.70
CA ARG A 6 14.50 15.32 6.52
C ARG A 6 13.32 15.71 5.61
N CYS A 7 12.41 14.80 5.33
CA CYS A 7 11.26 15.15 4.45
C CYS A 7 10.05 15.50 5.32
N GLN A 8 8.86 15.15 4.89
CA GLN A 8 7.65 15.47 5.70
C GLN A 8 7.37 14.33 6.70
N CYS A 9 6.64 13.33 6.29
CA CYS A 9 6.35 12.21 7.23
C CYS A 9 7.18 10.99 6.84
N ILE A 10 7.69 10.29 7.81
CA ILE A 10 8.51 9.08 7.49
C ILE A 10 7.97 7.86 8.23
N LYS A 11 7.28 8.08 9.32
CA LYS A 11 6.75 6.94 10.11
C LYS A 11 5.22 6.98 10.12
N THR A 12 4.61 6.15 10.92
CA THR A 12 3.12 6.13 11.01
C THR A 12 2.64 7.46 11.55
N TYR A 13 1.35 7.66 11.52
CA TYR A 13 0.78 8.94 12.00
C TYR A 13 1.27 9.26 13.43
N SER A 14 0.43 9.72 14.30
CA SER A 14 0.93 10.08 15.66
C SER A 14 0.77 8.94 16.66
N LYS A 15 0.31 7.78 16.27
CA LYS A 15 0.13 6.68 17.26
C LYS A 15 0.22 5.31 16.60
N PRO A 16 1.38 4.72 16.59
CA PRO A 16 1.54 3.42 15.97
C PRO A 16 0.62 2.39 16.53
N PHE A 17 0.36 1.44 15.72
CA PHE A 17 -0.63 0.40 16.07
C PHE A 17 -0.44 -0.80 15.15
N HIS A 18 -1.27 -1.79 15.29
CA HIS A 18 -1.18 -2.92 14.38
C HIS A 18 -1.80 -2.44 13.08
N PRO A 19 -1.05 -2.46 12.03
CA PRO A 19 -1.52 -1.97 10.75
C PRO A 19 -2.61 -2.89 10.19
N LYS A 20 -2.89 -3.96 10.89
CA LYS A 20 -3.94 -4.90 10.43
C LYS A 20 -5.28 -4.19 10.28
N PHE A 21 -5.61 -3.33 11.20
CA PHE A 21 -6.90 -2.61 11.14
C PHE A 21 -6.84 -1.42 10.16
N ILE A 22 -5.88 -1.40 9.29
CA ILE A 22 -5.79 -0.29 8.33
C ILE A 22 -6.79 -0.51 7.19
N LYS A 23 -7.65 0.44 6.93
CA LYS A 23 -8.63 0.28 5.82
C LYS A 23 -7.97 0.64 4.50
N GLU A 24 -7.00 1.51 4.53
CA GLU A 24 -6.32 1.86 3.25
C GLU A 24 -4.80 1.84 3.45
N LEU A 25 -4.08 1.11 2.66
CA LEU A 25 -2.61 1.10 2.84
C LEU A 25 -2.02 1.92 1.72
N ARG A 26 -1.63 3.13 2.00
CA ARG A 26 -1.10 3.97 0.95
C ARG A 26 0.41 3.95 1.05
N VAL A 27 1.08 4.07 -0.04
CA VAL A 27 2.57 4.03 0.02
C VAL A 27 3.15 5.10 -0.91
N ILE A 28 3.75 6.13 -0.36
CA ILE A 28 4.34 7.15 -1.24
C ILE A 28 5.64 6.59 -1.79
N GLU A 29 5.56 5.84 -2.86
CA GLU A 29 6.79 5.23 -3.43
C GLU A 29 7.22 5.92 -4.73
N SER A 30 7.58 7.17 -4.67
CA SER A 30 8.02 7.87 -5.91
C SER A 30 9.47 7.46 -6.20
N GLY A 31 10.14 8.16 -7.08
CA GLY A 31 11.56 7.81 -7.37
C GLY A 31 12.37 7.93 -6.08
N PRO A 32 13.66 8.06 -6.21
CA PRO A 32 14.52 8.19 -5.09
C PRO A 32 14.94 9.65 -4.87
N HIS A 33 14.44 10.26 -3.84
CA HIS A 33 14.79 11.69 -3.57
C HIS A 33 14.43 12.05 -2.13
N CYS A 34 13.22 12.51 -1.90
CA CYS A 34 12.80 12.90 -0.53
C CYS A 34 11.28 13.09 -0.48
N ALA A 35 10.67 13.45 -1.59
CA ALA A 35 9.19 13.64 -1.59
C ALA A 35 8.50 12.35 -1.15
N ASN A 36 8.25 11.48 -2.06
CA ASN A 36 7.58 10.21 -1.73
C ASN A 36 8.55 9.05 -1.83
N THR A 37 8.58 8.24 -0.83
CA THR A 37 9.49 7.07 -0.83
C THR A 37 9.25 6.24 0.44
N GLU A 38 8.22 6.55 1.16
CA GLU A 38 7.94 5.82 2.44
C GLU A 38 6.60 5.08 2.35
N ILE A 39 6.26 4.33 3.37
CA ILE A 39 4.96 3.62 3.33
C ILE A 39 3.89 4.59 3.84
N ILE A 40 2.65 4.21 3.76
CA ILE A 40 1.56 5.11 4.22
C ILE A 40 0.32 4.24 4.50
N VAL A 41 -0.71 4.78 5.08
CA VAL A 41 -1.87 3.93 5.40
C VAL A 41 -3.07 4.78 5.71
N LYS A 42 -4.12 4.12 6.06
CA LYS A 42 -5.37 4.80 6.41
C LYS A 42 -5.92 4.07 7.60
N LEU A 43 -5.48 4.46 8.77
CA LEU A 43 -5.95 3.77 10.02
C LEU A 43 -7.47 3.70 10.01
N SER A 44 -8.03 2.51 10.19
CA SER A 44 -9.53 2.38 10.20
C SER A 44 -10.15 3.12 11.39
N ASP A 45 -9.35 3.65 12.26
CA ASP A 45 -9.91 4.37 13.43
C ASP A 45 -9.87 5.88 13.15
N GLY A 46 -9.53 6.24 11.94
CA GLY A 46 -9.47 7.67 11.58
C GLY A 46 -8.03 8.18 11.63
N ARG A 47 -7.04 7.32 11.61
CA ARG A 47 -5.66 7.81 11.66
C ARG A 47 -5.04 7.62 10.29
N GLU A 48 -5.69 8.03 9.28
CA GLU A 48 -5.05 7.83 7.96
C GLU A 48 -3.92 8.85 7.82
N LEU A 49 -2.73 8.38 7.63
CA LEU A 49 -1.57 9.31 7.53
C LEU A 49 -0.36 8.60 6.91
N CYS A 50 0.82 9.02 7.23
CA CYS A 50 2.03 8.35 6.67
C CYS A 50 2.29 7.04 7.42
N LEU A 51 3.20 6.23 6.94
CA LEU A 51 3.47 4.94 7.61
C LEU A 51 4.84 4.37 7.16
N ASP A 52 5.54 3.74 8.06
CA ASP A 52 6.88 3.17 7.72
C ASP A 52 6.87 1.63 7.86
N PRO A 53 6.70 1.13 9.07
CA PRO A 53 6.69 -0.32 9.31
C PRO A 53 5.38 -0.95 8.82
N ALA A 54 5.46 -1.83 7.87
CA ALA A 54 4.24 -2.49 7.33
C ALA A 54 4.63 -3.34 6.11
N SER A 55 5.59 -2.88 5.36
CA SER A 55 6.03 -3.64 4.16
C SER A 55 7.56 -3.67 4.12
N PRO A 56 8.09 -4.73 3.57
CA PRO A 56 9.55 -4.91 3.47
C PRO A 56 10.14 -4.09 2.31
N ILE A 57 9.33 -3.31 1.64
CA ILE A 57 9.83 -2.50 0.51
C ILE A 57 10.36 -1.21 1.02
N VAL A 58 9.48 -0.55 1.69
CA VAL A 58 9.78 0.75 2.18
C VAL A 58 10.89 0.62 3.20
N LYS A 59 11.03 -0.54 3.76
CA LYS A 59 12.10 -0.78 4.74
C LYS A 59 13.43 -0.78 3.98
N LYS A 60 13.37 -1.14 2.73
CA LYS A 60 14.60 -1.15 1.90
C LYS A 60 14.98 0.30 1.55
N ILE A 61 14.00 1.12 1.34
CA ILE A 61 14.26 2.53 1.00
C ILE A 61 14.92 3.23 2.18
N ILE A 62 14.56 2.87 3.37
CA ILE A 62 15.13 3.49 4.57
C ILE A 62 16.43 2.79 4.90
N GLU A 63 16.47 1.56 4.52
CA GLU A 63 17.64 0.70 4.77
C GLU A 63 18.85 1.17 3.97
N LYS A 64 18.61 1.79 2.86
CA LYS A 64 19.74 2.28 2.01
C LYS A 64 20.52 3.38 2.72
N MET A 65 20.07 3.82 3.86
CA MET A 65 20.85 4.87 4.57
C MET A 65 22.12 4.19 5.10
N LEU A 66 21.93 3.16 5.87
CA LEU A 66 23.06 2.40 6.44
C LEU A 66 23.88 1.77 5.33
N ASN A 67 23.23 0.98 4.54
CA ASN A 67 23.91 0.28 3.41
C ASN A 67 24.67 1.27 2.54
N SER A 68 24.03 2.36 2.17
CA SER A 68 24.72 3.36 1.31
C SER A 68 25.85 3.99 2.08
N ASP A 69 25.74 3.91 3.36
CA ASP A 69 26.79 4.49 4.24
C ASP A 69 27.96 3.52 4.32
N LYS A 70 27.72 2.28 3.99
CA LYS A 70 28.80 1.27 4.04
C LYS A 70 29.59 1.30 2.73
N SER A 71 29.98 2.46 2.30
CA SER A 71 30.76 2.56 1.03
C SER A 71 32.23 2.21 1.32
N ASN A 72 32.53 1.81 2.51
CA ASN A 72 33.94 1.46 2.85
C ASN A 72 34.00 0.84 4.24
N SER B 1 -20.04 1.39 -15.03
CA SER B 1 -19.88 1.05 -13.58
C SER B 1 -19.08 -0.24 -13.45
N ALA B 2 -18.12 -0.27 -12.55
CA ALA B 2 -17.30 -1.50 -12.37
C ALA B 2 -18.21 -2.73 -12.38
N LYS B 3 -17.65 -3.90 -12.52
CA LYS B 3 -18.46 -5.13 -12.53
C LYS B 3 -19.44 -5.12 -11.35
N GLU B 4 -20.64 -4.64 -11.58
CA GLU B 4 -21.65 -4.59 -10.49
C GLU B 4 -21.79 -5.96 -9.84
N LEU B 5 -21.55 -7.00 -10.58
CA LEU B 5 -21.67 -8.37 -10.03
C LEU B 5 -21.00 -8.46 -8.65
N ARG B 6 -19.69 -8.44 -8.61
CA ARG B 6 -18.99 -8.54 -7.31
C ARG B 6 -18.97 -7.17 -6.62
N CYS B 7 -17.82 -6.63 -6.30
CA CYS B 7 -17.78 -5.31 -5.62
C CYS B 7 -17.51 -4.22 -6.67
N GLN B 8 -16.77 -3.20 -6.32
CA GLN B 8 -16.50 -2.12 -7.30
C GLN B 8 -15.25 -2.46 -8.12
N CYS B 9 -14.09 -2.10 -7.64
CA CYS B 9 -12.84 -2.40 -8.40
C CYS B 9 -12.10 -3.56 -7.74
N ILE B 10 -11.55 -4.45 -8.50
CA ILE B 10 -10.81 -5.60 -7.90
C ILE B 10 -9.42 -5.70 -8.50
N LYS B 11 -9.22 -5.17 -9.66
CA LYS B 11 -7.89 -5.25 -10.31
C LYS B 11 -7.31 -3.83 -10.50
N THR B 12 -6.23 -3.74 -11.22
CA THR B 12 -5.61 -2.40 -11.47
C THR B 12 -6.57 -1.54 -12.26
N TYR B 13 -6.25 -0.30 -12.43
CA TYR B 13 -7.14 0.63 -13.17
C TYR B 13 -7.47 0.06 -14.56
N SER B 14 -7.45 0.87 -15.59
CA SER B 14 -7.84 0.32 -16.92
C SER B 14 -6.62 -0.14 -17.74
N LYS B 15 -5.43 -0.09 -17.20
CA LYS B 15 -4.25 -0.51 -18.02
C LYS B 15 -3.10 -1.00 -17.14
N PRO B 16 -3.03 -2.27 -16.89
CA PRO B 16 -1.98 -2.81 -16.06
C PRO B 16 -0.60 -2.45 -16.55
N PHE B 17 0.28 -2.43 -15.62
CA PHE B 17 1.64 -1.98 -15.90
C PHE B 17 2.57 -2.45 -14.78
N HIS B 18 3.82 -2.09 -14.84
CA HIS B 18 4.71 -2.44 -13.76
C HIS B 18 4.37 -1.48 -12.63
N PRO B 19 3.98 -2.01 -11.51
CA PRO B 19 3.58 -1.17 -10.39
C PRO B 19 4.80 -0.42 -9.82
N LYS B 20 5.96 -0.69 -10.35
CA LYS B 20 7.19 -0.01 -9.87
C LYS B 20 7.05 1.50 -9.99
N PHE B 21 6.49 1.97 -11.07
CA PHE B 21 6.34 3.42 -11.28
C PHE B 21 5.13 3.98 -10.51
N ILE B 22 4.64 3.27 -9.55
CA ILE B 22 3.48 3.77 -8.78
C ILE B 22 3.96 4.78 -7.74
N LYS B 23 3.40 5.96 -7.74
CA LYS B 23 3.82 6.99 -6.74
C LYS B 23 3.08 6.74 -5.43
N GLU B 24 1.91 6.17 -5.49
CA GLU B 24 1.18 5.92 -4.21
C GLU B 24 0.62 4.50 -4.25
N LEU B 25 0.91 3.69 -3.27
CA LEU B 25 0.35 2.31 -3.28
C LEU B 25 -0.75 2.28 -2.25
N ARG B 26 -1.97 2.32 -2.68
CA ARG B 26 -3.06 2.33 -1.73
C ARG B 26 -3.63 0.94 -1.66
N VAL B 27 -4.12 0.56 -0.54
CA VAL B 27 -4.67 -0.83 -0.42
C VAL B 27 -5.98 -0.81 0.37
N ILE B 28 -7.08 -1.05 -0.25
CA ILE B 28 -8.35 -1.06 0.50
C ILE B 28 -8.42 -2.36 1.28
N GLU B 29 -7.82 -2.38 2.45
CA GLU B 29 -7.81 -3.65 3.24
C GLU B 29 -8.75 -3.55 4.45
N SER B 30 -10.03 -3.43 4.22
CA SER B 30 -10.98 -3.37 5.38
C SER B 30 -11.21 -4.78 5.89
N GLY B 31 -12.21 -4.98 6.71
CA GLY B 31 -12.49 -6.35 7.22
C GLY B 31 -12.77 -7.26 6.01
N PRO B 32 -13.42 -8.36 6.26
CA PRO B 32 -13.76 -9.30 5.25
C PRO B 32 -15.23 -9.16 4.84
N HIS B 33 -15.47 -8.66 3.67
CA HIS B 33 -16.88 -8.48 3.21
C HIS B 33 -16.92 -8.26 1.69
N CYS B 34 -16.83 -7.03 1.26
CA CYS B 34 -16.87 -6.72 -0.20
C CYS B 34 -16.44 -5.26 -0.45
N ALA B 35 -16.64 -4.40 0.50
CA ALA B 35 -16.23 -2.97 0.32
C ALA B 35 -14.74 -2.91 0.01
N ASN B 36 -13.94 -2.86 1.03
CA ASN B 36 -12.48 -2.78 0.84
C ASN B 36 -11.82 -4.08 1.24
N THR B 37 -10.98 -4.57 0.40
CA THR B 37 -10.28 -5.84 0.69
C THR B 37 -9.29 -6.16 -0.44
N GLU B 38 -9.09 -5.22 -1.31
CA GLU B 38 -8.17 -5.46 -2.47
C GLU B 38 -6.98 -4.49 -2.42
N ILE B 39 -6.04 -4.63 -3.33
CA ILE B 39 -4.88 -3.71 -3.32
C ILE B 39 -5.29 -2.47 -4.10
N ILE B 40 -4.47 -1.47 -4.10
CA ILE B 40 -4.80 -0.22 -4.83
C ILE B 40 -3.49 0.55 -5.10
N VAL B 41 -3.50 1.58 -5.87
CA VAL B 41 -2.24 2.26 -6.18
C VAL B 41 -2.50 3.65 -6.75
N LYS B 42 -1.45 4.28 -7.09
CA LYS B 42 -1.53 5.62 -7.70
C LYS B 42 -0.52 5.64 -8.81
N LEU B 43 -0.93 5.19 -9.97
CA LEU B 43 0.03 5.15 -11.12
C LEU B 43 0.70 6.51 -11.28
N SER B 44 2.02 6.55 -11.33
CA SER B 44 2.74 7.86 -11.48
C SER B 44 2.44 8.50 -12.84
N ASP B 45 1.74 7.82 -13.69
CA ASP B 45 1.42 8.41 -15.02
C ASP B 45 0.00 8.98 -14.98
N GLY B 46 -0.59 9.02 -13.83
CA GLY B 46 -1.96 9.57 -13.70
C GLY B 46 -2.99 8.42 -13.68
N ARG B 47 -2.60 7.21 -13.39
CA ARG B 47 -3.59 6.13 -13.36
C ARG B 47 -3.82 5.72 -11.93
N GLU B 48 -4.03 6.65 -11.07
CA GLU B 48 -4.26 6.20 -9.69
C GLU B 48 -5.64 5.58 -9.59
N LEU B 49 -5.71 4.34 -9.19
CA LEU B 49 -7.04 3.66 -9.11
C LEU B 49 -6.92 2.40 -8.25
N CYS B 50 -7.74 1.43 -8.50
CA CYS B 50 -7.68 0.16 -7.71
C CYS B 50 -6.50 -0.69 -8.20
N LEU B 51 -6.18 -1.74 -7.49
CA LEU B 51 -5.03 -2.59 -7.90
C LEU B 51 -5.10 -3.97 -7.21
N ASP B 52 -4.71 -5.00 -7.91
CA ASP B 52 -4.76 -6.37 -7.33
C ASP B 52 -3.33 -6.96 -7.22
N PRO B 53 -2.68 -7.21 -8.33
CA PRO B 53 -1.33 -7.78 -8.33
C PRO B 53 -0.29 -6.74 -7.90
N ALA B 54 0.38 -6.99 -6.81
CA ALA B 54 1.41 -6.04 -6.31
C ALA B 54 1.88 -6.51 -4.94
N SER B 55 1.01 -7.08 -4.16
CA SER B 55 1.39 -7.57 -2.81
C SER B 55 0.81 -8.97 -2.60
N PRO B 56 1.50 -9.76 -1.82
CA PRO B 56 1.09 -11.14 -1.52
C PRO B 56 -0.02 -11.17 -0.46
N ILE B 57 -0.49 -10.03 -0.03
CA ILE B 57 -1.54 -9.99 1.00
C ILE B 57 -2.88 -10.06 0.35
N VAL B 58 -3.05 -9.14 -0.52
CA VAL B 58 -4.30 -8.99 -1.17
C VAL B 58 -4.53 -10.22 -2.03
N LYS B 59 -3.45 -10.89 -2.37
CA LYS B 59 -3.55 -12.12 -3.17
C LYS B 59 -4.16 -13.20 -2.28
N LYS B 60 -3.94 -13.07 -1.00
CA LYS B 60 -4.52 -14.06 -0.05
C LYS B 60 -6.01 -13.80 0.10
N ILE B 61 -6.40 -12.56 0.06
CA ILE B 61 -7.83 -12.21 0.19
C ILE B 61 -8.61 -12.75 -1.01
N ILE B 62 -8.00 -12.75 -2.16
CA ILE B 62 -8.67 -13.24 -3.38
C ILE B 62 -8.50 -14.74 -3.43
N GLU B 63 -7.44 -15.19 -2.85
CA GLU B 63 -7.10 -16.61 -2.82
C GLU B 63 -8.09 -17.40 -1.99
N LYS B 64 -8.68 -16.76 -1.04
CA LYS B 64 -9.67 -17.46 -0.15
C LYS B 64 -10.90 -17.89 -0.94
N MET B 65 -11.01 -17.51 -2.18
CA MET B 65 -12.19 -17.95 -2.96
C MET B 65 -12.01 -19.44 -3.23
N LEU B 66 -10.91 -19.79 -3.83
CA LEU B 66 -10.61 -21.19 -4.13
C LEU B 66 -10.49 -21.99 -2.84
N ASN B 67 -9.59 -21.56 -2.01
CA ASN B 67 -9.35 -22.26 -0.73
C ASN B 67 -10.65 -22.42 0.06
N SER B 68 -11.42 -21.37 0.17
CA SER B 68 -12.69 -21.48 0.93
C SER B 68 -13.64 -22.40 0.18
N ASP B 69 -13.39 -22.55 -1.06
CA ASP B 69 -14.23 -23.43 -1.91
C ASP B 69 -13.81 -24.88 -1.69
N LYS B 70 -12.62 -25.08 -1.18
CA LYS B 70 -12.12 -26.45 -0.95
C LYS B 70 -12.60 -26.94 0.42
N SER B 71 -13.86 -26.78 0.70
CA SER B 71 -14.40 -27.24 2.00
C SER B 71 -14.64 -28.76 1.96
N ASN B 72 -14.26 -29.39 0.88
CA ASN B 72 -14.46 -30.86 0.77
C ASN B 72 -13.77 -31.38 -0.49
N SER A 1 22.44 13.48 14.41
CA SER A 1 23.36 14.63 14.18
C SER A 1 22.59 15.79 13.56
N ALA A 2 22.18 15.66 12.32
CA ALA A 2 21.42 16.76 11.67
C ALA A 2 19.93 16.59 11.95
N LYS A 3 19.10 17.41 11.37
CA LYS A 3 17.64 17.30 11.61
C LYS A 3 17.22 15.84 11.45
N GLU A 4 16.83 15.20 12.51
CA GLU A 4 16.41 13.79 12.44
C GLU A 4 15.45 13.57 11.27
N LEU A 5 14.49 14.44 11.10
CA LEU A 5 13.53 14.30 9.99
C LEU A 5 14.25 14.08 8.65
N ARG A 6 13.97 12.99 7.99
CA ARG A 6 14.62 12.72 6.69
C ARG A 6 13.92 13.49 5.57
N CYS A 7 13.03 12.86 4.87
CA CYS A 7 12.32 13.55 3.76
C CYS A 7 10.95 14.03 4.24
N GLN A 8 9.94 13.21 4.10
CA GLN A 8 8.57 13.63 4.54
C GLN A 8 8.25 13.00 5.90
N CYS A 9 7.94 11.73 5.92
CA CYS A 9 7.60 11.06 7.22
C CYS A 9 8.58 9.93 7.48
N ILE A 10 8.42 9.23 8.57
CA ILE A 10 9.36 8.11 8.88
C ILE A 10 8.59 6.90 9.41
N LYS A 11 7.77 7.10 10.39
CA LYS A 11 7.03 5.96 11.00
C LYS A 11 5.51 6.16 10.86
N THR A 12 4.75 5.38 11.59
CA THR A 12 3.26 5.50 11.56
C THR A 12 2.84 6.89 11.98
N TYR A 13 1.58 7.18 11.80
CA TYR A 13 1.06 8.51 12.16
C TYR A 13 1.40 8.86 13.62
N SER A 14 0.48 9.42 14.37
CA SER A 14 0.84 9.79 15.77
C SER A 14 0.51 8.69 16.78
N LYS A 15 -0.14 7.64 16.36
CA LYS A 15 -0.50 6.56 17.33
C LYS A 15 -0.38 5.17 16.70
N PRO A 16 0.76 4.55 16.80
CA PRO A 16 0.95 3.25 16.21
C PRO A 16 -0.05 2.24 16.67
N PHE A 17 -0.24 1.29 15.82
CA PHE A 17 -1.28 0.29 16.06
C PHE A 17 -1.07 -0.89 15.14
N HIS A 18 -1.91 -1.88 15.20
CA HIS A 18 -1.78 -3.00 14.27
C HIS A 18 -2.31 -2.47 12.95
N PRO A 19 -1.50 -2.53 11.93
CA PRO A 19 -1.88 -2.01 10.63
C PRO A 19 -2.98 -2.86 10.01
N LYS A 20 -3.36 -3.92 10.67
CA LYS A 20 -4.42 -4.81 10.15
C LYS A 20 -5.73 -4.03 9.96
N PHE A 21 -6.03 -3.16 10.88
CA PHE A 21 -7.29 -2.38 10.79
C PHE A 21 -7.13 -1.19 9.81
N ILE A 22 -6.13 -1.20 8.99
CA ILE A 22 -5.96 -0.09 8.04
C ILE A 22 -6.89 -0.31 6.83
N LYS A 23 -7.71 0.65 6.51
CA LYS A 23 -8.62 0.50 5.35
C LYS A 23 -7.85 0.74 4.06
N GLU A 24 -6.87 1.60 4.08
CA GLU A 24 -6.11 1.84 2.81
C GLU A 24 -4.60 1.93 3.12
N LEU A 25 -3.84 0.96 2.68
CA LEU A 25 -2.37 1.01 2.93
C LEU A 25 -1.74 1.77 1.79
N ARG A 26 -1.39 3.01 1.97
CA ARG A 26 -0.83 3.76 0.85
C ARG A 26 0.68 3.78 0.96
N VAL A 27 1.34 3.47 -0.11
CA VAL A 27 2.82 3.44 -0.08
C VAL A 27 3.33 4.65 -0.85
N ILE A 28 3.80 5.64 -0.15
CA ILE A 28 4.31 6.81 -0.86
C ILE A 28 5.68 6.47 -1.43
N GLU A 29 5.69 5.86 -2.60
CA GLU A 29 6.98 5.48 -3.24
C GLU A 29 7.57 6.70 -3.97
N SER A 30 8.73 7.13 -3.55
CA SER A 30 9.36 8.32 -4.20
C SER A 30 9.19 8.28 -5.71
N GLY A 31 9.47 9.38 -6.37
CA GLY A 31 9.36 9.45 -7.85
C GLY A 31 10.49 10.31 -8.39
N PRO A 32 10.17 11.54 -8.75
CA PRO A 32 11.14 12.47 -9.27
C PRO A 32 12.10 12.94 -8.17
N HIS A 33 11.80 12.64 -6.92
CA HIS A 33 12.71 13.04 -5.79
C HIS A 33 12.45 12.16 -4.58
N CYS A 34 12.72 12.65 -3.39
CA CYS A 34 12.46 11.83 -2.17
C CYS A 34 11.21 12.33 -1.46
N ALA A 35 10.32 12.96 -2.18
CA ALA A 35 9.08 13.47 -1.56
C ALA A 35 8.36 12.30 -0.90
N ASN A 36 8.34 11.19 -1.56
CA ASN A 36 7.68 10.00 -1.01
C ASN A 36 8.68 8.86 -0.91
N THR A 37 8.56 8.05 0.08
CA THR A 37 9.53 6.94 0.24
C THR A 37 9.21 6.13 1.49
N GLU A 38 8.02 6.26 1.96
CA GLU A 38 7.63 5.54 3.22
C GLU A 38 6.37 4.70 3.02
N ILE A 39 6.05 3.85 3.97
CA ILE A 39 4.83 3.02 3.84
C ILE A 39 3.64 3.78 4.43
N ILE A 40 2.92 4.51 3.63
CA ILE A 40 1.76 5.27 4.16
C ILE A 40 0.57 4.29 4.38
N VAL A 41 -0.49 4.75 4.96
CA VAL A 41 -1.64 3.88 5.26
C VAL A 41 -2.85 4.74 5.50
N LYS A 42 -3.93 4.09 5.73
CA LYS A 42 -5.17 4.81 6.01
C LYS A 42 -5.83 4.12 7.18
N LEU A 43 -5.44 4.50 8.36
CA LEU A 43 -6.03 3.85 9.58
C LEU A 43 -7.54 3.88 9.48
N SER A 44 -8.20 2.75 9.64
CA SER A 44 -9.68 2.72 9.55
C SER A 44 -10.34 3.50 10.69
N ASP A 45 -9.57 3.96 11.63
CA ASP A 45 -10.16 4.74 12.74
C ASP A 45 -10.00 6.22 12.45
N GLY A 46 -9.56 6.53 11.25
CA GLY A 46 -9.38 7.94 10.85
C GLY A 46 -7.91 8.38 11.01
N ARG A 47 -6.97 7.47 11.06
CA ARG A 47 -5.58 7.89 11.19
C ARG A 47 -4.86 7.65 9.88
N GLU A 48 -5.39 8.11 8.81
CA GLU A 48 -4.65 7.86 7.56
C GLU A 48 -3.42 8.77 7.53
N LEU A 49 -2.25 8.17 7.51
CA LEU A 49 -1.00 8.98 7.52
C LEU A 49 0.16 8.12 7.06
N CYS A 50 1.37 8.44 7.45
CA CYS A 50 2.53 7.61 7.02
C CYS A 50 2.61 6.34 7.87
N LEU A 51 3.40 5.38 7.44
CA LEU A 51 3.51 4.11 8.22
C LEU A 51 4.79 3.37 7.83
N ASP A 52 5.20 2.44 8.66
CA ASP A 52 6.42 1.64 8.38
C ASP A 52 6.35 0.35 9.21
N PRO A 53 5.32 -0.43 8.98
CA PRO A 53 5.10 -1.70 9.69
C PRO A 53 6.01 -2.81 9.16
N ALA A 54 5.64 -4.05 9.38
CA ALA A 54 6.47 -5.18 8.89
C ALA A 54 6.85 -4.94 7.42
N SER A 55 7.65 -5.81 6.87
CA SER A 55 8.06 -5.63 5.44
C SER A 55 8.96 -4.39 5.35
N PRO A 56 10.25 -4.62 5.34
CA PRO A 56 11.24 -3.54 5.26
C PRO A 56 11.38 -2.99 3.84
N ILE A 57 10.43 -3.27 2.97
CA ILE A 57 10.48 -2.78 1.59
C ILE A 57 10.83 -1.34 1.54
N VAL A 58 10.04 -0.59 2.21
CA VAL A 58 10.17 0.82 2.16
C VAL A 58 11.52 1.17 2.78
N LYS A 59 11.97 0.34 3.69
CA LYS A 59 13.28 0.56 4.34
C LYS A 59 14.37 0.24 3.33
N LYS A 60 14.06 -0.56 2.35
CA LYS A 60 15.07 -0.89 1.32
C LYS A 60 15.18 0.29 0.35
N ILE A 61 14.11 1.02 0.20
CA ILE A 61 14.13 2.19 -0.69
C ILE A 61 14.94 3.30 -0.03
N ILE A 62 14.90 3.35 1.27
CA ILE A 62 15.67 4.36 2.01
C ILE A 62 17.09 3.88 2.13
N GLU A 63 17.23 2.58 2.14
CA GLU A 63 18.53 1.93 2.25
C GLU A 63 19.41 2.26 1.05
N LYS A 64 18.94 1.97 -0.11
CA LYS A 64 19.73 2.24 -1.34
C LYS A 64 20.02 3.73 -1.46
N MET A 65 19.33 4.56 -0.71
CA MET A 65 19.61 6.01 -0.79
C MET A 65 21.02 6.26 -0.25
N LEU A 66 21.24 5.92 0.99
CA LEU A 66 22.57 6.09 1.60
C LEU A 66 23.62 5.31 0.84
N ASN A 67 23.32 4.09 0.54
CA ASN A 67 24.28 3.22 -0.19
C ASN A 67 24.78 3.93 -1.45
N SER A 68 23.89 4.37 -2.28
CA SER A 68 24.33 5.05 -3.52
C SER A 68 25.00 6.37 -3.15
N ASP A 69 24.72 6.81 -1.99
CA ASP A 69 25.31 8.08 -1.48
C ASP A 69 26.71 7.80 -0.97
N LYS A 70 27.00 6.56 -0.68
CA LYS A 70 28.33 6.18 -0.17
C LYS A 70 29.28 5.96 -1.33
N SER A 71 29.29 6.85 -2.28
CA SER A 71 30.19 6.70 -3.45
C SER A 71 30.52 8.08 -4.03
N ASN A 72 30.29 9.12 -3.28
CA ASN A 72 30.59 10.49 -3.78
C ASN A 72 30.24 11.52 -2.70
N SER B 1 -19.55 -17.80 -13.91
CA SER B 1 -20.99 -18.17 -13.78
C SER B 1 -21.82 -16.93 -13.46
N ALA B 2 -21.67 -16.40 -12.27
CA ALA B 2 -22.45 -15.18 -11.90
C ALA B 2 -21.67 -13.93 -12.30
N LYS B 3 -22.16 -12.78 -11.97
CA LYS B 3 -21.45 -11.53 -12.33
C LYS B 3 -19.97 -11.66 -11.98
N GLU B 4 -19.12 -11.73 -12.97
CA GLU B 4 -17.67 -11.86 -12.70
C GLU B 4 -17.23 -10.88 -11.62
N LEU B 5 -17.66 -9.65 -11.71
CA LEU B 5 -17.27 -8.63 -10.70
C LEU B 5 -17.51 -9.15 -9.28
N ARG B 6 -16.48 -9.19 -8.48
CA ARG B 6 -16.63 -9.68 -7.08
C ARG B 6 -17.20 -8.56 -6.19
N CYS B 7 -16.34 -7.87 -5.50
CA CYS B 7 -16.82 -6.77 -4.61
C CYS B 7 -16.65 -5.42 -5.31
N GLN B 8 -15.52 -4.78 -5.14
CA GLN B 8 -15.31 -3.46 -5.80
C GLN B 8 -14.46 -3.62 -7.05
N CYS B 9 -13.18 -3.82 -6.89
CA CYS B 9 -12.29 -3.98 -8.08
C CYS B 9 -11.61 -5.35 -8.04
N ILE B 10 -10.79 -5.65 -9.01
CA ILE B 10 -10.11 -6.97 -9.03
C ILE B 10 -8.64 -6.82 -9.42
N LYS B 11 -8.38 -6.16 -10.51
CA LYS B 11 -6.99 -6.00 -10.99
C LYS B 11 -6.58 -4.52 -11.06
N THR B 12 -5.49 -4.25 -11.73
CA THR B 12 -5.01 -2.84 -11.88
C THR B 12 -6.05 -2.00 -12.58
N TYR B 13 -5.85 -0.72 -12.59
CA TYR B 13 -6.83 0.20 -13.21
C TYR B 13 -7.11 -0.22 -14.67
N SER B 14 -7.17 0.69 -15.60
CA SER B 14 -7.50 0.28 -16.99
C SER B 14 -6.24 0.00 -17.82
N LYS B 15 -5.07 0.26 -17.31
CA LYS B 15 -3.84 0.03 -18.13
C LYS B 15 -2.69 -0.50 -17.25
N PRO B 16 -2.57 -1.78 -17.12
CA PRO B 16 -1.52 -2.35 -16.31
C PRO B 16 -0.15 -1.90 -16.69
N PHE B 17 0.70 -1.93 -15.73
CA PHE B 17 2.05 -1.40 -15.91
C PHE B 17 2.94 -1.89 -14.78
N HIS B 18 4.18 -1.50 -14.76
CA HIS B 18 5.03 -1.88 -13.66
C HIS B 18 4.60 -0.98 -12.51
N PRO B 19 4.23 -1.58 -11.41
CA PRO B 19 3.76 -0.81 -10.27
C PRO B 19 4.90 -0.03 -9.63
N LYS B 20 6.09 -0.18 -10.14
CA LYS B 20 7.26 0.53 -9.61
C LYS B 20 7.05 2.04 -9.69
N PHE B 21 6.48 2.49 -10.77
CA PHE B 21 6.25 3.95 -10.95
C PHE B 21 5.00 4.42 -10.18
N ILE B 22 4.53 3.64 -9.26
CA ILE B 22 3.34 4.07 -8.48
C ILE B 22 3.76 5.02 -7.38
N LYS B 23 3.17 6.18 -7.32
CA LYS B 23 3.55 7.15 -6.26
C LYS B 23 2.87 6.76 -4.95
N GLU B 24 1.70 6.18 -5.00
CA GLU B 24 1.04 5.79 -3.73
C GLU B 24 0.40 4.40 -3.87
N LEU B 25 0.93 3.41 -3.20
CA LEU B 25 0.33 2.05 -3.28
C LEU B 25 -0.73 1.95 -2.23
N ARG B 26 -1.98 2.06 -2.58
CA ARG B 26 -3.01 2.02 -1.55
C ARG B 26 -3.61 0.63 -1.49
N VAL B 27 -3.71 0.10 -0.31
CA VAL B 27 -4.27 -1.27 -0.18
C VAL B 27 -5.65 -1.16 0.42
N ILE B 28 -6.66 -1.32 -0.37
CA ILE B 28 -8.03 -1.24 0.19
C ILE B 28 -8.32 -2.51 0.95
N GLU B 29 -7.89 -2.55 2.20
CA GLU B 29 -8.13 -3.76 3.03
C GLU B 29 -9.56 -3.73 3.60
N SER B 30 -10.36 -4.69 3.25
CA SER B 30 -11.77 -4.73 3.76
C SER B 30 -11.84 -4.31 5.23
N GLY B 31 -13.03 -4.06 5.70
CA GLY B 31 -13.21 -3.68 7.13
C GLY B 31 -14.51 -4.30 7.65
N PRO B 32 -15.54 -3.49 7.75
CA PRO B 32 -16.83 -3.93 8.21
C PRO B 32 -17.52 -4.82 7.16
N HIS B 33 -16.99 -4.87 5.95
CA HIS B 33 -17.58 -5.74 4.87
C HIS B 33 -16.53 -6.03 3.81
N CYS B 34 -16.95 -6.29 2.60
CA CYS B 34 -15.97 -6.57 1.51
C CYS B 34 -15.86 -5.35 0.60
N ALA B 35 -16.15 -4.19 1.11
CA ALA B 35 -16.05 -2.96 0.27
C ALA B 35 -14.63 -2.86 -0.27
N ASN B 36 -13.69 -3.15 0.57
CA ASN B 36 -12.28 -3.08 0.16
C ASN B 36 -11.62 -4.43 0.37
N THR B 37 -10.72 -4.81 -0.49
CA THR B 37 -10.08 -6.13 -0.35
C THR B 37 -9.08 -6.34 -1.47
N GLU B 38 -8.66 -5.29 -2.09
CA GLU B 38 -7.72 -5.42 -3.24
C GLU B 38 -6.47 -4.55 -3.03
N ILE B 39 -5.47 -4.74 -3.86
CA ILE B 39 -4.24 -3.92 -3.72
C ILE B 39 -4.41 -2.64 -4.56
N ILE B 40 -4.87 -1.58 -3.98
CA ILE B 40 -5.04 -0.32 -4.75
C ILE B 40 -3.65 0.36 -4.94
N VAL B 41 -3.59 1.40 -5.71
CA VAL B 41 -2.30 2.06 -5.97
C VAL B 41 -2.58 3.46 -6.48
N LYS B 42 -1.54 4.16 -6.72
CA LYS B 42 -1.67 5.51 -7.25
C LYS B 42 -0.66 5.66 -8.35
N LEU B 43 -1.02 5.25 -9.54
CA LEU B 43 -0.06 5.34 -10.68
C LEU B 43 0.51 6.75 -10.76
N SER B 44 1.82 6.89 -10.80
CA SER B 44 2.42 8.26 -10.86
C SER B 44 2.10 8.95 -12.19
N ASP B 45 1.48 8.26 -13.09
CA ASP B 45 1.13 8.92 -14.39
C ASP B 45 -0.33 9.37 -14.32
N GLY B 46 -0.90 9.29 -13.16
CA GLY B 46 -2.32 9.72 -12.99
C GLY B 46 -3.28 8.52 -13.05
N ARG B 47 -2.81 7.31 -12.83
CA ARG B 47 -3.73 6.17 -12.90
C ARG B 47 -3.94 5.65 -11.49
N GLU B 48 -4.28 6.49 -10.58
CA GLU B 48 -4.48 5.93 -9.23
C GLU B 48 -5.80 5.15 -9.22
N LEU B 49 -5.72 3.88 -8.97
CA LEU B 49 -6.96 3.03 -8.98
C LEU B 49 -6.68 1.71 -8.26
N CYS B 50 -7.42 0.67 -8.56
CA CYS B 50 -7.16 -0.63 -7.87
C CYS B 50 -5.93 -1.32 -8.48
N LEU B 51 -5.43 -2.33 -7.81
CA LEU B 51 -4.23 -3.03 -8.35
C LEU B 51 -4.09 -4.42 -7.70
N ASP B 52 -3.32 -5.27 -8.31
CA ASP B 52 -3.10 -6.63 -7.77
C ASP B 52 -1.81 -7.20 -8.37
N PRO B 53 -0.72 -6.51 -8.12
CA PRO B 53 0.61 -6.90 -8.63
C PRO B 53 1.20 -8.06 -7.83
N ALA B 54 2.50 -8.22 -7.87
CA ALA B 54 3.15 -9.33 -7.11
C ALA B 54 2.61 -9.34 -5.68
N SER B 55 3.03 -10.30 -4.89
CA SER B 55 2.54 -10.37 -3.49
C SER B 55 1.05 -10.70 -3.50
N PRO B 56 0.75 -11.96 -3.31
CA PRO B 56 -0.65 -12.46 -3.31
C PRO B 56 -1.34 -12.14 -1.99
N ILE B 57 -0.82 -11.24 -1.21
CA ILE B 57 -1.45 -10.87 0.07
C ILE B 57 -2.91 -10.64 -0.08
N VAL B 58 -3.20 -9.75 -0.95
CA VAL B 58 -4.54 -9.33 -1.13
C VAL B 58 -5.32 -10.54 -1.65
N LYS B 59 -4.64 -11.40 -2.35
CA LYS B 59 -5.29 -12.62 -2.87
C LYS B 59 -5.54 -13.56 -1.71
N LYS B 60 -4.80 -13.42 -0.66
CA LYS B 60 -5.01 -14.30 0.53
C LYS B 60 -6.23 -13.79 1.28
N ILE B 61 -6.50 -12.52 1.19
CA ILE B 61 -7.68 -11.94 1.88
C ILE B 61 -8.93 -12.38 1.13
N ILE B 62 -8.83 -12.55 -0.16
CA ILE B 62 -9.95 -12.98 -0.97
C ILE B 62 -10.07 -14.49 -0.85
N GLU B 63 -8.94 -15.08 -0.63
CA GLU B 63 -8.85 -16.55 -0.48
C GLU B 63 -9.63 -17.03 0.73
N LYS B 64 -9.31 -16.52 1.87
CA LYS B 64 -10.01 -16.92 3.11
C LYS B 64 -11.50 -16.61 3.00
N MET B 65 -11.89 -15.80 2.06
CA MET B 65 -13.34 -15.49 1.92
C MET B 65 -14.06 -16.77 1.51
N LEU B 66 -13.70 -17.31 0.37
CA LEU B 66 -14.32 -18.55 -0.11
C LEU B 66 -14.11 -19.69 0.88
N ASN B 67 -12.90 -19.83 1.34
CA ASN B 67 -12.58 -20.90 2.31
C ASN B 67 -13.55 -20.88 3.48
N SER B 68 -13.71 -19.77 4.13
CA SER B 68 -14.64 -19.71 5.28
C SER B 68 -16.07 -19.89 4.77
N ASP B 69 -16.22 -19.65 3.52
CA ASP B 69 -17.56 -19.80 2.88
C ASP B 69 -17.80 -21.27 2.57
N LYS B 70 -16.75 -22.03 2.53
CA LYS B 70 -16.88 -23.48 2.23
C LYS B 70 -17.18 -24.25 3.53
N SER B 71 -18.10 -23.76 4.30
CA SER B 71 -18.46 -24.44 5.57
C SER B 71 -19.91 -24.13 5.95
N ASN B 72 -20.68 -23.65 5.00
CA ASN B 72 -22.10 -23.32 5.30
C ASN B 72 -22.78 -22.80 4.03
#